data_5FSD
#
_entry.id   5FSD
#
_cell.length_a   131.312
_cell.length_b   131.312
_cell.length_c   188.920
_cell.angle_alpha   90.00
_cell.angle_beta   90.00
_cell.angle_gamma   120.00
#
_symmetry.space_group_name_H-M   'P 63 2 2'
#
loop_
_entity.id
_entity.type
_entity.pdbx_description
1 polymer 'UREASE SUBUNIT GAMMA'
2 polymer 'UREASE SUBUNIT BETA'
3 polymer 'UREASE SUBUNIT ALPHA'
4 non-polymer 1,2-ETHANEDIOL
5 non-polymer 'SULFATE ION'
6 non-polymer 'NICKEL (II) ION'
7 non-polymer 'HYDROXIDE ION'
8 non-polymer '2,5-dihydroxybenzenesulfonic acid'
9 water water
#
loop_
_entity_poly.entity_id
_entity_poly.type
_entity_poly.pdbx_seq_one_letter_code
_entity_poly.pdbx_strand_id
1 'polypeptide(L)'
;(CXM)HLNPAEKEKLQIFLASELALKRKARGLKLNYPEAVAIITSFIMEGARDGKTVAMLMEEGKHVLTRDDVMEGVPEM
IDDIQAEATFPDGTKLVTVHNPIS
;
A
2 'polypeptide(L)'
;MSNNNYIVPGEYRVAEGEIEINAGREKTTIRVSNTGDRPIQVGSHIHFVEVNKELLFDRAEGIGRRLNIPSGTAARFEPG
EEMEVELTELGGNREVFGISDLTNGSVDNKELILQRAKELGYKGVE
;
B
3 'polypeptide(L)'
;MKINRQQYAESYGPTVGDQVRLADTDLWIEVEKDYTTYGDEANFGGGKVLREGMGENGTYTRTENVLDLLLTNALILDYT
GIYKADIGVKDGYIVGIGKGGNPDIMDGVTPNMIVGTATEVIAAEGKIVTAGGIDTHVHFINPDQVDVALANGITTLFGG
GTGPAEGSKATTVTPGPWNIEKMLKSTEGLPINVGILGKGHGSSIAPIMEQIDAGAAGL(KCX)IHEDWGATPASIDRSL
TVADEADVQVAIHSDTLNEAGFLEDTLRAINGRVIHSFHVEGAGGGHAPDIMAMAGHPNVLPSSTNPTRPFTVNTIDEHL
DMLMVCHHLKQNIPEDVAFADSRIRPETIAAEDILHDLGIISMMSTDALAMGRAGEMVLRTWQTADKMKKQRGPLAEEKN
GSDNFRAKRYVSKYTINPAIAQGIAHEVGSIEEGKFADLVLWEPKFFGVKADRVIKGGIIAYAQIGDPSASIPTPQPVMG
RRMYGTVGDLIHDTNITFMSKSSIQQGVPAKLGLKRRIGTVKNCRNIGKKDMKWNDVTTDIDINPETYEVKVDGEVLTCE
PVKELPMAQRYFLF
;
C
#
loop_
_chem_comp.id
_chem_comp.type
_chem_comp.name
_chem_comp.formula
DBX non-polymer '2,5-dihydroxybenzenesulfonic acid' 'C6 H6 O5 S'
EDO non-polymer 1,2-ETHANEDIOL 'C2 H6 O2'
NI non-polymer 'NICKEL (II) ION' 'Ni 2'
OH non-polymer 'HYDROXIDE ION' 'H O -1'
SO4 non-polymer 'SULFATE ION' 'O4 S -2'
#
# COMPACT_ATOMS: atom_id res chain seq x y z
N CXM A 1 -23.93 29.29 16.20
CA CXM A 1 -24.44 28.36 15.23
CB CXM A 1 -23.44 28.27 14.08
CG CXM A 1 -23.49 29.47 13.08
SD CXM A 1 -22.32 29.25 11.73
CE CXM A 1 -20.75 29.36 12.54
C CXM A 1 -24.60 26.95 15.75
O CXM A 1 -25.49 26.18 15.29
CN CXM A 1 -24.56 29.51 17.38
ON1 CXM A 1 -25.65 28.82 17.71
ON2 CXM A 1 -24.26 30.38 18.22
N HIS A 2 -23.74 26.60 16.72
CA HIS A 2 -23.73 25.30 17.41
C HIS A 2 -23.39 24.21 16.40
N LEU A 3 -22.37 24.40 15.61
CA LEU A 3 -22.02 23.37 14.64
C LEU A 3 -21.48 22.07 15.34
N ASN A 4 -21.94 20.94 14.86
CA ASN A 4 -21.49 19.64 15.33
C ASN A 4 -20.45 19.15 14.36
N PRO A 5 -19.81 18.04 14.66
CA PRO A 5 -18.73 17.65 13.75
C PRO A 5 -19.10 17.42 12.31
N ALA A 6 -20.21 16.76 12.05
CA ALA A 6 -20.65 16.51 10.68
C ALA A 6 -20.99 17.81 9.92
N GLU A 7 -21.57 18.77 10.59
CA GLU A 7 -21.90 20.03 9.94
C GLU A 7 -20.61 20.68 9.47
N LYS A 8 -19.57 20.62 10.28
CA LYS A 8 -18.33 21.24 9.91
C LYS A 8 -17.69 20.56 8.77
N GLU A 9 -17.70 19.23 8.75
CA GLU A 9 -17.14 18.53 7.64
C GLU A 9 -17.82 18.76 6.37
N LYS A 10 -19.16 18.76 6.41
CA LYS A 10 -19.95 18.81 5.21
C LYS A 10 -19.90 20.15 4.51
N LEU A 11 -19.56 21.20 5.24
CA LEU A 11 -19.25 22.49 4.62
C LEU A 11 -18.19 22.37 3.56
N GLN A 12 -17.25 21.45 3.79
N GLN A 12 -17.25 21.48 3.75
CA GLN A 12 -16.17 21.15 2.84
CA GLN A 12 -16.16 21.37 2.79
C GLN A 12 -16.67 20.64 1.52
C GLN A 12 -16.59 20.56 1.52
N ILE A 13 -17.70 19.80 1.58
CA ILE A 13 -18.27 19.28 0.35
C ILE A 13 -18.90 20.42 -0.49
N PHE A 14 -19.70 21.28 0.16
CA PHE A 14 -20.26 22.41 -0.53
C PHE A 14 -19.14 23.20 -1.21
N LEU A 15 -18.09 23.48 -0.47
CA LEU A 15 -16.96 24.28 -0.99
C LEU A 15 -16.32 23.62 -2.21
N ALA A 16 -16.07 22.32 -2.12
CA ALA A 16 -15.47 21.60 -3.26
C ALA A 16 -16.40 21.63 -4.46
N SER A 17 -17.70 21.51 -4.18
CA SER A 17 -18.68 21.60 -5.27
C SER A 17 -18.69 22.97 -5.93
N GLU A 18 -18.63 24.05 -5.15
CA GLU A 18 -18.46 25.41 -5.73
C GLU A 18 -17.22 25.53 -6.63
N LEU A 19 -16.14 25.00 -6.15
CA LEU A 19 -14.87 25.00 -6.90
C LEU A 19 -15.01 24.25 -8.18
N ALA A 20 -15.58 23.06 -8.09
CA ALA A 20 -15.80 22.23 -9.27
C ALA A 20 -16.76 22.91 -10.28
N LEU A 21 -17.83 23.53 -9.79
CA LEU A 21 -18.77 24.20 -10.69
C LEU A 21 -18.10 25.37 -11.41
N LYS A 22 -17.19 26.08 -10.77
CA LYS A 22 -16.45 27.10 -11.47
C LYS A 22 -15.55 26.54 -12.55
N ARG A 23 -14.93 25.40 -12.28
CA ARG A 23 -14.08 24.74 -13.26
C ARG A 23 -14.91 24.32 -14.46
N LYS A 24 -16.10 23.78 -14.22
CA LYS A 24 -16.99 23.36 -15.31
C LYS A 24 -17.47 24.56 -16.12
N ALA A 25 -17.77 25.66 -15.43
CA ALA A 25 -18.23 26.88 -16.10
C ALA A 25 -17.16 27.45 -16.98
N ARG A 26 -15.90 27.30 -16.69
CA ARG A 26 -14.94 27.76 -17.67
C ARG A 26 -14.52 26.72 -18.71
N GLY A 27 -15.28 25.62 -18.81
CA GLY A 27 -15.08 24.68 -19.91
C GLY A 27 -14.24 23.51 -19.65
N LEU A 28 -13.84 23.23 -18.38
CA LEU A 28 -13.03 22.04 -18.11
C LEU A 28 -13.90 20.79 -18.03
N LYS A 29 -13.38 19.69 -18.55
CA LYS A 29 -13.90 18.39 -18.22
C LYS A 29 -13.49 18.07 -16.77
N LEU A 30 -14.45 17.64 -15.96
CA LEU A 30 -14.24 17.41 -14.57
C LEU A 30 -13.60 16.10 -14.25
N ASN A 31 -12.79 16.14 -13.19
CA ASN A 31 -12.18 14.94 -12.66
C ASN A 31 -12.98 14.19 -11.61
N TYR A 32 -12.39 13.14 -11.06
CA TYR A 32 -13.06 12.25 -10.13
C TYR A 32 -13.55 13.02 -8.88
N PRO A 33 -12.66 13.64 -8.12
CA PRO A 33 -13.18 14.33 -6.92
C PRO A 33 -14.17 15.48 -7.16
N GLU A 34 -13.94 16.20 -8.26
CA GLU A 34 -14.85 17.26 -8.72
C GLU A 34 -16.24 16.74 -8.97
N ALA A 35 -16.31 15.67 -9.75
CA ALA A 35 -17.60 15.09 -10.06
C ALA A 35 -18.31 14.61 -8.81
N VAL A 36 -17.58 13.91 -7.90
CA VAL A 36 -18.18 13.44 -6.68
C VAL A 36 -18.67 14.59 -5.85
N ALA A 37 -17.90 15.65 -5.74
CA ALA A 37 -18.34 16.79 -4.96
C ALA A 37 -19.61 17.43 -5.51
N ILE A 38 -19.68 17.61 -6.81
CA ILE A 38 -20.86 18.24 -7.38
C ILE A 38 -22.12 17.42 -7.09
N ILE A 39 -22.04 16.11 -7.31
CA ILE A 39 -23.21 15.27 -7.11
C ILE A 39 -23.58 15.17 -5.64
N THR A 40 -22.59 15.05 -4.77
CA THR A 40 -22.86 15.04 -3.36
C THR A 40 -23.53 16.30 -2.85
N SER A 41 -22.98 17.43 -3.21
CA SER A 41 -23.59 18.70 -2.78
C SER A 41 -25.02 18.84 -3.32
N PHE A 42 -25.24 18.42 -4.56
CA PHE A 42 -26.59 18.47 -5.12
C PHE A 42 -27.59 17.66 -4.24
N ILE A 43 -27.17 16.48 -3.80
CA ILE A 43 -28.01 15.64 -2.90
C ILE A 43 -28.29 16.35 -1.58
N MET A 44 -27.27 16.91 -0.94
N MET A 44 -27.23 16.88 -0.95
CA MET A 44 -27.53 17.52 0.35
CA MET A 44 -27.38 17.59 0.31
C MET A 44 -28.37 18.80 0.23
C MET A 44 -28.37 18.73 0.19
N GLU A 45 -28.15 19.58 -0.83
CA GLU A 45 -29.03 20.76 -1.10
C GLU A 45 -30.45 20.30 -1.43
N GLY A 46 -30.56 19.17 -2.12
CA GLY A 46 -31.86 18.62 -2.36
C GLY A 46 -32.67 18.23 -1.16
N ALA A 47 -32.01 17.65 -0.18
CA ALA A 47 -32.62 17.33 1.07
C ALA A 47 -33.03 18.58 1.78
N ARG A 48 -32.19 19.58 1.74
CA ARG A 48 -32.49 20.84 2.38
C ARG A 48 -33.76 21.49 1.75
N ASP A 49 -33.92 21.29 0.42
CA ASP A 49 -35.09 21.78 -0.33
C ASP A 49 -36.34 21.00 0.02
N GLY A 50 -36.24 19.85 0.64
CA GLY A 50 -37.39 19.09 1.03
C GLY A 50 -37.77 18.00 0.04
N LYS A 51 -36.91 17.71 -0.90
CA LYS A 51 -37.17 16.59 -1.77
C LYS A 51 -37.14 15.24 -1.05
N THR A 52 -37.71 14.21 -1.66
CA THR A 52 -37.65 12.91 -1.06
C THR A 52 -36.40 12.19 -1.46
N VAL A 53 -36.09 11.15 -0.68
CA VAL A 53 -34.96 10.25 -0.97
C VAL A 53 -35.17 9.70 -2.39
N ALA A 54 -36.35 9.17 -2.69
CA ALA A 54 -36.61 8.62 -4.09
C ALA A 54 -36.40 9.68 -5.21
N MET A 55 -36.81 10.94 -4.98
CA MET A 55 -36.58 11.95 -6.00
C MET A 55 -35.06 12.12 -6.19
N LEU A 56 -34.27 12.04 -5.13
CA LEU A 56 -32.83 12.38 -5.23
C LEU A 56 -32.10 11.20 -5.82
N MET A 57 -32.60 10.00 -5.57
CA MET A 57 -32.04 8.84 -6.23
C MET A 57 -32.19 8.93 -7.75
N GLU A 58 -33.29 9.50 -8.24
CA GLU A 58 -33.53 9.70 -9.66
C GLU A 58 -32.72 10.87 -10.18
N GLU A 59 -32.83 12.00 -9.50
CA GLU A 59 -32.19 13.20 -10.05
C GLU A 59 -30.68 13.07 -10.08
N GLY A 60 -30.11 12.38 -9.08
CA GLY A 60 -28.65 12.33 -8.96
C GLY A 60 -28.03 11.66 -10.15
N LYS A 61 -28.81 10.90 -10.92
CA LYS A 61 -28.29 10.30 -12.16
C LYS A 61 -28.22 11.19 -13.41
N HIS A 62 -28.63 12.43 -13.25
CA HIS A 62 -28.74 13.39 -14.34
C HIS A 62 -28.07 14.71 -14.06
N VAL A 63 -27.27 14.73 -13.02
CA VAL A 63 -26.53 15.96 -12.66
C VAL A 63 -25.34 16.20 -13.59
N LEU A 64 -24.59 15.17 -13.87
CA LEU A 64 -23.47 15.23 -14.76
C LEU A 64 -23.58 14.06 -15.76
N THR A 65 -23.22 14.27 -17.00
CA THR A 65 -23.18 13.22 -18.03
C THR A 65 -21.74 13.02 -18.45
N ARG A 66 -21.49 11.98 -19.23
CA ARG A 66 -20.11 11.65 -19.58
C ARG A 66 -19.29 12.69 -20.28
N ASP A 67 -19.94 13.53 -21.10
CA ASP A 67 -19.27 14.59 -21.75
C ASP A 67 -18.89 15.73 -20.78
N ASP A 68 -19.37 15.71 -19.55
CA ASP A 68 -18.97 16.68 -18.56
C ASP A 68 -17.65 16.28 -17.83
N VAL A 69 -17.17 15.04 -17.98
CA VAL A 69 -16.10 14.53 -17.16
C VAL A 69 -15.01 13.92 -18.04
N MET A 70 -13.85 13.71 -17.44
CA MET A 70 -12.71 13.13 -18.12
CA MET A 70 -12.69 13.10 -18.06
C MET A 70 -12.95 11.63 -18.41
N GLU A 71 -12.22 11.15 -19.40
CA GLU A 71 -12.23 9.73 -19.70
C GLU A 71 -12.01 8.85 -18.45
N GLY A 72 -12.85 7.82 -18.29
CA GLY A 72 -12.73 6.95 -17.20
C GLY A 72 -13.48 7.34 -15.93
N VAL A 73 -13.80 8.61 -15.75
CA VAL A 73 -14.42 9.04 -14.52
C VAL A 73 -15.79 8.38 -14.37
N PRO A 74 -16.59 8.23 -15.47
CA PRO A 74 -17.87 7.59 -15.20
C PRO A 74 -17.72 6.18 -14.62
N GLU A 75 -16.71 5.45 -15.11
CA GLU A 75 -16.55 4.05 -14.69
C GLU A 75 -15.86 3.99 -13.30
N MET A 76 -15.18 5.05 -12.87
CA MET A 76 -14.64 5.10 -11.52
C MET A 76 -15.68 5.29 -10.43
N ILE A 77 -16.81 5.91 -10.77
CA ILE A 77 -17.85 6.25 -9.81
C ILE A 77 -18.96 5.23 -9.88
N ASP A 78 -18.94 4.23 -8.97
CA ASP A 78 -20.02 3.22 -8.92
C ASP A 78 -21.26 3.68 -8.18
N ASP A 79 -21.03 4.49 -7.16
N ASP A 79 -21.04 4.44 -7.11
CA ASP A 79 -22.13 5.19 -6.53
CA ASP A 79 -22.11 4.91 -6.24
C ASP A 79 -21.64 6.27 -5.62
C ASP A 79 -21.64 6.25 -5.65
N ILE A 80 -22.57 7.13 -5.28
CA ILE A 80 -22.30 8.27 -4.44
C ILE A 80 -23.32 8.18 -3.36
N GLN A 81 -22.84 8.32 -2.14
CA GLN A 81 -23.68 8.27 -0.95
CA GLN A 81 -23.70 8.28 -0.95
C GLN A 81 -23.56 9.52 -0.11
N ALA A 82 -24.70 10.01 0.43
CA ALA A 82 -24.68 11.19 1.28
C ALA A 82 -25.80 11.16 2.24
N GLU A 83 -25.57 11.65 3.45
CA GLU A 83 -26.61 11.81 4.45
C GLU A 83 -26.82 13.25 4.69
N ALA A 84 -28.10 13.60 4.83
CA ALA A 84 -28.47 14.95 5.08
C ALA A 84 -29.77 14.95 5.85
N THR A 85 -30.08 16.12 6.37
CA THR A 85 -31.27 16.31 7.17
C THR A 85 -32.46 16.70 6.24
N PHE A 86 -33.32 15.72 6.03
CA PHE A 86 -34.59 15.91 5.37
C PHE A 86 -35.60 16.52 6.33
N PRO A 87 -36.80 16.88 5.84
CA PRO A 87 -37.82 17.38 6.77
C PRO A 87 -38.16 16.36 7.87
N ASP A 88 -37.99 15.07 7.54
CA ASP A 88 -38.22 13.96 8.48
C ASP A 88 -36.91 13.37 9.06
N GLY A 89 -35.86 14.19 9.17
CA GLY A 89 -34.62 13.79 9.83
C GLY A 89 -33.52 13.34 8.88
N THR A 90 -32.40 12.80 9.40
CA THR A 90 -31.28 12.37 8.58
C THR A 90 -31.70 11.15 7.84
N LYS A 91 -31.41 11.13 6.56
CA LYS A 91 -31.55 9.92 5.73
C LYS A 91 -30.35 9.78 4.82
N LEU A 92 -30.11 8.54 4.39
CA LEU A 92 -29.08 8.20 3.46
C LEU A 92 -29.62 8.16 2.08
N VAL A 93 -28.92 8.83 1.15
CA VAL A 93 -29.21 8.72 -0.27
C VAL A 93 -28.09 7.99 -0.95
N THR A 94 -28.38 6.98 -1.74
CA THR A 94 -27.36 6.37 -2.56
C THR A 94 -27.74 6.49 -4.01
N VAL A 95 -26.85 7.07 -4.80
CA VAL A 95 -27.11 7.22 -6.21
C VAL A 95 -26.21 6.25 -6.93
N HIS A 96 -26.77 5.23 -7.57
N HIS A 96 -26.81 5.33 -7.65
CA HIS A 96 -25.97 4.23 -8.26
CA HIS A 96 -26.08 4.28 -8.32
C HIS A 96 -25.63 4.70 -9.68
C HIS A 96 -25.65 4.72 -9.73
N ASN A 97 -24.40 4.47 -10.11
CA ASN A 97 -23.96 4.83 -11.43
C ASN A 97 -24.44 6.19 -11.86
N PRO A 98 -24.03 7.22 -11.11
CA PRO A 98 -24.59 8.52 -11.42
C PRO A 98 -24.29 9.09 -12.79
N ILE A 99 -23.17 8.72 -13.40
CA ILE A 99 -22.79 9.27 -14.67
C ILE A 99 -22.72 8.11 -15.65
N SER A 100 -23.63 8.02 -16.61
CA SER A 100 -23.59 6.84 -17.54
C SER A 100 -22.61 6.94 -18.72
N ASN B 5 -8.90 0.91 -26.47
N ASN B 5 -8.50 1.77 -26.94
CA ASN B 5 -7.95 1.93 -25.94
CA ASN B 5 -7.74 2.77 -26.18
C ASN B 5 -8.47 2.95 -24.89
C ASN B 5 -8.52 3.55 -25.12
N TYR B 6 -9.78 3.23 -24.86
CA TYR B 6 -10.44 3.94 -23.72
C TYR B 6 -9.90 3.31 -22.44
N ILE B 7 -9.48 4.15 -21.49
CA ILE B 7 -8.88 3.63 -20.22
C ILE B 7 -9.91 3.63 -19.11
N VAL B 8 -10.26 2.47 -18.55
CA VAL B 8 -11.04 2.38 -17.32
C VAL B 8 -10.01 2.13 -16.19
N PRO B 9 -9.82 3.10 -15.30
CA PRO B 9 -8.78 2.94 -14.28
C PRO B 9 -9.00 1.69 -13.46
N GLY B 10 -7.92 0.92 -13.28
CA GLY B 10 -7.96 -0.29 -12.43
C GLY B 10 -8.74 -1.45 -12.99
N GLU B 11 -9.07 -1.37 -14.27
CA GLU B 11 -9.85 -2.47 -14.86
C GLU B 11 -9.14 -3.79 -14.92
N TYR B 12 -9.92 -4.84 -14.91
CA TYR B 12 -9.40 -6.19 -15.19
C TYR B 12 -9.43 -6.58 -16.67
N ARG B 13 -8.57 -7.52 -17.03
N ARG B 13 -8.46 -7.37 -17.10
CA ARG B 13 -8.58 -8.15 -18.33
CA ARG B 13 -8.52 -8.15 -18.34
C ARG B 13 -8.39 -9.61 -17.95
C ARG B 13 -8.38 -9.60 -17.87
N VAL B 14 -9.49 -10.28 -17.67
CA VAL B 14 -9.44 -11.66 -17.18
C VAL B 14 -9.03 -12.62 -18.27
N ALA B 15 -8.44 -13.71 -17.86
CA ALA B 15 -7.94 -14.68 -18.83
C ALA B 15 -9.18 -15.43 -19.38
N GLU B 16 -8.97 -16.22 -20.41
CA GLU B 16 -10.01 -17.13 -20.93
C GLU B 16 -10.23 -18.31 -20.01
N GLY B 17 -11.42 -18.87 -20.02
CA GLY B 17 -11.60 -20.13 -19.34
C GLY B 17 -12.59 -19.93 -18.20
N GLU B 18 -12.85 -21.00 -17.47
CA GLU B 18 -13.80 -21.00 -16.41
C GLU B 18 -13.15 -21.68 -15.21
N ILE B 19 -13.69 -21.40 -14.06
CA ILE B 19 -13.13 -21.93 -12.86
C ILE B 19 -14.06 -22.99 -12.34
N GLU B 20 -13.55 -24.19 -12.17
CA GLU B 20 -14.37 -25.28 -11.65
C GLU B 20 -14.21 -25.32 -10.13
N ILE B 21 -15.28 -25.11 -9.39
CA ILE B 21 -15.23 -25.28 -7.95
C ILE B 21 -15.37 -26.69 -7.44
N ASN B 22 -14.76 -26.96 -6.28
CA ASN B 22 -14.88 -28.20 -5.59
C ASN B 22 -14.54 -29.37 -6.53
N ALA B 23 -13.44 -29.22 -7.27
CA ALA B 23 -13.11 -30.13 -8.34
C ALA B 23 -12.68 -31.45 -7.72
N GLY B 24 -13.08 -32.55 -8.36
CA GLY B 24 -12.65 -33.85 -7.91
C GLY B 24 -13.44 -34.33 -6.71
N ARG B 25 -14.40 -33.60 -6.16
CA ARG B 25 -15.18 -34.13 -5.06
C ARG B 25 -16.53 -34.71 -5.55
N GLU B 26 -16.99 -35.74 -4.87
CA GLU B 26 -18.30 -36.36 -5.22
C GLU B 26 -19.42 -35.38 -5.08
N LYS B 27 -20.33 -35.35 -6.07
CA LYS B 27 -21.53 -34.54 -5.99
C LYS B 27 -22.79 -35.36 -5.79
N THR B 28 -23.79 -34.81 -5.12
CA THR B 28 -25.01 -35.54 -4.84
C THR B 28 -26.15 -34.58 -4.95
N THR B 29 -27.17 -34.93 -5.70
CA THR B 29 -28.39 -34.13 -5.78
C THR B 29 -29.47 -34.65 -4.90
N ILE B 30 -30.08 -33.79 -4.08
CA ILE B 30 -31.20 -34.18 -3.26
C ILE B 30 -32.32 -33.15 -3.26
N ARG B 31 -33.51 -33.59 -2.92
CA ARG B 31 -34.67 -32.74 -2.86
C ARG B 31 -34.83 -32.32 -1.43
N VAL B 32 -35.21 -31.06 -1.24
CA VAL B 32 -35.33 -30.42 0.09
C VAL B 32 -36.54 -29.54 0.12
N SER B 33 -37.33 -29.64 1.20
CA SER B 33 -38.52 -28.91 1.29
C SER B 33 -38.57 -28.09 2.57
N ASN B 34 -38.95 -26.81 2.46
CA ASN B 34 -39.11 -25.95 3.61
C ASN B 34 -40.54 -26.11 4.06
N THR B 35 -40.69 -26.86 5.13
CA THR B 35 -42.01 -27.14 5.71
C THR B 35 -42.47 -26.06 6.68
N GLY B 36 -41.62 -25.04 6.90
CA GLY B 36 -41.99 -23.96 7.78
C GLY B 36 -42.66 -22.84 7.01
N ASP B 37 -43.07 -21.80 7.74
CA ASP B 37 -43.82 -20.70 7.18
C ASP B 37 -43.01 -19.41 7.09
N ARG B 38 -41.69 -19.56 7.26
CA ARG B 38 -40.76 -18.43 7.13
C ARG B 38 -39.60 -18.87 6.23
N PRO B 39 -38.97 -17.94 5.52
CA PRO B 39 -37.94 -18.30 4.56
C PRO B 39 -36.66 -18.77 5.26
N ILE B 40 -35.96 -19.67 4.62
CA ILE B 40 -34.73 -20.25 5.13
C ILE B 40 -33.69 -20.13 4.00
N GLN B 41 -32.59 -19.48 4.32
CA GLN B 41 -31.52 -19.37 3.38
C GLN B 41 -30.25 -20.05 3.97
N VAL B 42 -29.59 -20.87 3.15
CA VAL B 42 -28.56 -21.77 3.60
C VAL B 42 -27.25 -21.47 2.88
N GLY B 43 -26.21 -21.22 3.67
CA GLY B 43 -24.90 -20.88 3.11
C GLY B 43 -24.08 -22.03 2.55
N SER B 44 -23.05 -21.70 1.77
CA SER B 44 -22.28 -22.68 1.03
C SER B 44 -21.57 -23.69 1.92
N HIS B 45 -21.19 -23.27 3.13
CA HIS B 45 -20.26 -24.04 3.98
C HIS B 45 -20.78 -24.58 5.29
N ILE B 46 -22.10 -24.51 5.50
CA ILE B 46 -22.72 -25.15 6.61
C ILE B 46 -22.93 -26.69 6.35
N HIS B 47 -22.48 -27.51 7.27
CA HIS B 47 -22.67 -28.95 7.26
C HIS B 47 -24.14 -29.24 7.04
N PHE B 48 -24.48 -29.86 5.94
CA PHE B 48 -25.81 -29.76 5.47
C PHE B 48 -26.83 -30.48 6.38
N VAL B 49 -26.39 -31.52 7.04
CA VAL B 49 -27.31 -32.22 7.94
C VAL B 49 -27.73 -31.37 9.11
N GLU B 50 -27.01 -30.28 9.41
CA GLU B 50 -27.33 -29.47 10.59
C GLU B 50 -28.20 -28.25 10.35
N VAL B 51 -28.73 -28.09 9.13
CA VAL B 51 -29.60 -26.99 8.81
C VAL B 51 -30.90 -27.13 9.59
N ASN B 52 -31.64 -26.02 9.60
CA ASN B 52 -32.92 -25.82 10.20
C ASN B 52 -33.78 -27.11 10.23
N LYS B 53 -34.24 -27.48 11.43
N LYS B 53 -34.24 -27.48 11.43
CA LYS B 53 -35.08 -28.68 11.59
CA LYS B 53 -35.21 -28.57 11.64
C LYS B 53 -36.30 -28.78 10.66
C LYS B 53 -36.21 -28.76 10.52
N GLU B 54 -36.84 -27.66 10.17
CA GLU B 54 -38.02 -27.68 9.34
C GLU B 54 -37.78 -27.92 7.89
N LEU B 55 -36.51 -27.95 7.46
CA LEU B 55 -36.18 -28.39 6.13
C LEU B 55 -36.26 -29.92 6.18
N LEU B 56 -37.09 -30.44 5.30
CA LEU B 56 -37.28 -31.89 5.17
C LEU B 56 -36.52 -32.41 3.98
N PHE B 57 -35.65 -33.35 4.27
CA PHE B 57 -34.87 -34.04 3.24
C PHE B 57 -34.29 -35.31 3.90
N ASP B 58 -33.68 -36.18 3.11
CA ASP B 58 -33.05 -37.36 3.66
C ASP B 58 -31.77 -36.92 4.43
N ARG B 59 -31.87 -36.77 5.73
CA ARG B 59 -30.80 -36.17 6.51
C ARG B 59 -29.52 -36.91 6.36
N ALA B 60 -29.58 -38.24 6.22
CA ALA B 60 -28.37 -39.03 5.96
C ALA B 60 -27.57 -38.51 4.80
N GLU B 61 -28.23 -37.97 3.77
CA GLU B 61 -27.51 -37.58 2.57
C GLU B 61 -26.84 -36.22 2.77
N GLY B 62 -27.13 -35.55 3.86
CA GLY B 62 -26.41 -34.32 4.13
C GLY B 62 -25.17 -34.46 5.01
N ILE B 63 -24.92 -35.66 5.53
CA ILE B 63 -23.81 -35.91 6.42
C ILE B 63 -22.49 -35.86 5.66
N GLY B 64 -21.57 -35.05 6.17
CA GLY B 64 -20.30 -34.90 5.51
C GLY B 64 -20.30 -34.09 4.24
N ARG B 65 -21.34 -33.30 4.04
CA ARG B 65 -21.55 -32.58 2.81
C ARG B 65 -21.98 -31.11 3.10
N ARG B 66 -21.91 -30.29 2.06
CA ARG B 66 -22.39 -28.93 2.06
C ARG B 66 -22.86 -28.65 0.63
N LEU B 67 -23.49 -27.49 0.44
CA LEU B 67 -23.90 -27.06 -0.90
C LEU B 67 -22.73 -26.88 -1.86
N ASN B 68 -22.89 -27.41 -3.07
CA ASN B 68 -21.96 -27.21 -4.19
C ASN B 68 -22.25 -25.92 -4.91
N ILE B 69 -22.03 -24.80 -4.21
CA ILE B 69 -22.27 -23.52 -4.76
C ILE B 69 -21.03 -22.66 -4.46
N PRO B 70 -20.88 -21.59 -5.25
CA PRO B 70 -19.69 -20.76 -5.04
C PRO B 70 -19.55 -20.32 -3.59
N SER B 71 -18.31 -20.28 -3.14
CA SER B 71 -18.02 -19.95 -1.79
C SER B 71 -18.65 -18.59 -1.44
N GLY B 72 -19.42 -18.54 -0.35
CA GLY B 72 -20.04 -17.30 0.09
C GLY B 72 -21.45 -16.98 -0.47
N THR B 73 -22.01 -17.89 -1.25
CA THR B 73 -23.35 -17.75 -1.76
C THR B 73 -24.25 -18.66 -0.95
N ALA B 74 -25.53 -18.61 -1.22
CA ALA B 74 -26.52 -19.30 -0.39
C ALA B 74 -27.66 -19.80 -1.25
N ALA B 75 -28.36 -20.83 -0.85
CA ALA B 75 -29.58 -21.31 -1.49
C ALA B 75 -30.77 -20.84 -0.67
N ARG B 76 -31.83 -20.31 -1.33
CA ARG B 76 -32.98 -19.80 -0.60
C ARG B 76 -34.22 -20.71 -0.77
N PHE B 77 -34.91 -21.00 0.33
CA PHE B 77 -36.18 -21.75 0.36
C PHE B 77 -37.25 -20.86 0.95
N GLU B 78 -38.17 -20.38 0.11
CA GLU B 78 -39.33 -19.67 0.58
C GLU B 78 -40.24 -20.66 1.34
N PRO B 79 -41.14 -20.13 2.19
CA PRO B 79 -42.04 -21.02 2.91
C PRO B 79 -42.76 -21.95 1.98
N GLY B 80 -42.75 -23.22 2.27
CA GLY B 80 -43.41 -24.22 1.50
C GLY B 80 -42.67 -24.65 0.27
N GLU B 81 -41.56 -24.03 -0.05
CA GLU B 81 -40.87 -24.36 -1.30
C GLU B 81 -40.07 -25.67 -1.21
N GLU B 82 -40.24 -26.52 -2.20
CA GLU B 82 -39.41 -27.73 -2.39
C GLU B 82 -38.55 -27.60 -3.64
N MET B 83 -37.25 -27.86 -3.56
CA MET B 83 -36.45 -27.89 -4.75
C MET B 83 -35.26 -28.81 -4.61
N GLU B 84 -34.59 -29.10 -5.71
CA GLU B 84 -33.41 -29.92 -5.66
C GLU B 84 -32.18 -29.03 -5.47
N VAL B 85 -31.23 -29.52 -4.70
CA VAL B 85 -29.92 -28.84 -4.57
C VAL B 85 -28.84 -29.87 -4.87
N GLU B 86 -27.66 -29.38 -5.21
CA GLU B 86 -26.53 -30.24 -5.38
C GLU B 86 -25.57 -30.02 -4.19
N LEU B 87 -25.12 -31.12 -3.58
CA LEU B 87 -24.15 -31.12 -2.49
C LEU B 87 -22.76 -31.59 -2.97
N THR B 88 -21.71 -31.10 -2.33
CA THR B 88 -20.39 -31.61 -2.53
C THR B 88 -19.89 -32.10 -1.16
N GLU B 89 -18.76 -32.77 -1.15
CA GLU B 89 -18.19 -33.31 0.11
C GLU B 89 -17.41 -32.24 0.86
N LEU B 90 -17.50 -32.29 2.17
CA LEU B 90 -16.62 -31.58 3.04
C LEU B 90 -15.18 -32.09 2.81
N GLY B 91 -14.21 -31.22 3.01
CA GLY B 91 -12.82 -31.60 2.88
C GLY B 91 -12.08 -31.47 4.20
N GLY B 92 -10.78 -31.19 4.09
CA GLY B 92 -9.91 -31.15 5.26
C GLY B 92 -9.96 -32.42 6.06
N ASN B 93 -10.06 -32.28 7.36
CA ASN B 93 -10.16 -33.44 8.24
C ASN B 93 -11.53 -34.11 8.27
N ARG B 94 -12.50 -33.50 7.60
CA ARG B 94 -13.86 -34.00 7.64
C ARG B 94 -14.34 -34.24 9.02
N GLU B 95 -14.31 -33.14 9.77
CA GLU B 95 -14.84 -33.07 11.11
C GLU B 95 -15.68 -31.81 11.25
N VAL B 96 -16.75 -31.87 12.01
CA VAL B 96 -17.55 -30.68 12.27
C VAL B 96 -17.78 -30.60 13.72
N PHE B 97 -17.67 -29.36 14.25
CA PHE B 97 -17.93 -29.09 15.62
C PHE B 97 -18.86 -27.93 15.74
N GLY B 98 -19.71 -27.94 16.74
CA GLY B 98 -20.53 -26.81 16.91
C GLY B 98 -21.70 -26.80 15.92
N ILE B 99 -22.06 -25.60 15.47
CA ILE B 99 -23.28 -25.37 14.59
C ILE B 99 -24.53 -25.81 15.33
N SER B 100 -25.03 -27.03 15.05
CA SER B 100 -26.26 -27.44 15.77
C SER B 100 -25.92 -28.51 16.84
N ASP B 101 -24.63 -28.80 17.03
CA ASP B 101 -24.16 -29.80 17.96
C ASP B 101 -24.62 -31.24 17.59
N LEU B 102 -24.74 -31.50 16.31
CA LEU B 102 -25.15 -32.82 15.87
C LEU B 102 -23.99 -33.72 15.65
N THR B 103 -22.81 -33.18 15.39
CA THR B 103 -21.67 -33.96 14.95
C THR B 103 -20.55 -33.98 16.03
N ASN B 104 -19.96 -32.81 16.30
CA ASN B 104 -18.90 -32.71 17.27
C ASN B 104 -17.88 -33.80 17.19
N GLY B 105 -17.30 -33.89 16.02
CA GLY B 105 -16.31 -34.91 15.67
C GLY B 105 -16.33 -35.33 14.22
N SER B 106 -15.87 -36.54 13.96
CA SER B 106 -15.86 -37.02 12.64
C SER B 106 -17.24 -37.04 12.02
N VAL B 107 -17.29 -36.70 10.74
CA VAL B 107 -18.53 -36.88 9.97
C VAL B 107 -18.82 -38.39 9.64
N ASP B 108 -17.86 -39.27 9.89
CA ASP B 108 -18.05 -40.72 9.65
C ASP B 108 -19.01 -41.35 10.63
N ASN B 109 -19.30 -40.71 11.76
CA ASN B 109 -20.21 -41.25 12.75
C ASN B 109 -21.68 -41.07 12.46
N LYS B 110 -22.12 -41.66 11.37
CA LYS B 110 -23.45 -41.36 10.82
C LYS B 110 -24.53 -41.76 11.78
N GLU B 111 -24.41 -42.89 12.44
CA GLU B 111 -25.51 -43.39 13.23
C GLU B 111 -25.72 -42.44 14.41
N LEU B 112 -24.62 -41.96 14.95
CA LEU B 112 -24.65 -41.03 16.11
C LEU B 112 -25.26 -39.66 15.72
N ILE B 113 -24.79 -39.16 14.58
CA ILE B 113 -25.41 -37.96 14.01
C ILE B 113 -26.91 -38.08 13.82
N LEU B 114 -27.37 -39.13 13.13
CA LEU B 114 -28.80 -39.34 12.92
C LEU B 114 -29.55 -39.57 14.15
N GLN B 115 -28.94 -40.21 15.14
CA GLN B 115 -29.67 -40.39 16.38
C GLN B 115 -29.95 -39.07 17.09
N ARG B 116 -28.95 -38.21 17.14
CA ARG B 116 -29.13 -36.92 17.77
C ARG B 116 -30.15 -36.06 16.98
N ALA B 117 -30.03 -36.12 15.63
CA ALA B 117 -30.94 -35.40 14.72
C ALA B 117 -32.37 -35.83 14.97
N LYS B 118 -32.57 -37.13 15.10
CA LYS B 118 -33.92 -37.65 15.29
C LYS B 118 -34.48 -37.22 16.62
N GLU B 119 -33.70 -37.33 17.67
CA GLU B 119 -34.12 -37.01 18.99
C GLU B 119 -34.52 -35.54 19.11
N LEU B 120 -33.80 -34.66 18.41
CA LEU B 120 -34.08 -33.18 18.45
C LEU B 120 -35.11 -32.70 17.43
N GLY B 121 -35.60 -33.60 16.59
CA GLY B 121 -36.68 -33.25 15.65
C GLY B 121 -36.23 -32.60 14.37
N TYR B 122 -35.00 -32.89 13.91
CA TYR B 122 -34.57 -32.50 12.58
C TYR B 122 -35.29 -33.40 11.58
N LYS B 123 -36.15 -32.82 10.73
CA LYS B 123 -36.95 -33.61 9.81
C LYS B 123 -36.20 -34.40 8.78
N GLY B 124 -36.66 -35.66 8.57
CA GLY B 124 -36.18 -36.49 7.48
C GLY B 124 -35.19 -37.53 7.88
N VAL B 125 -35.09 -37.85 9.16
CA VAL B 125 -34.26 -38.98 9.58
C VAL B 125 -35.07 -40.25 9.38
N GLU B 126 -34.51 -41.14 8.57
CA GLU B 126 -35.27 -42.18 7.91
C GLU B 126 -34.76 -43.52 8.30
N MET C 1 -19.92 -27.39 -10.82
N MET C 1 -19.71 -27.72 -11.36
CA MET C 1 -20.20 -25.97 -11.06
CA MET C 1 -20.22 -26.36 -11.53
C MET C 1 -18.95 -25.33 -11.64
C MET C 1 -19.02 -25.44 -11.71
N LYS C 2 -19.10 -24.57 -12.71
CA LYS C 2 -18.06 -23.69 -13.11
C LYS C 2 -18.56 -22.25 -13.07
N ILE C 3 -17.62 -21.34 -12.86
CA ILE C 3 -17.93 -19.90 -12.76
C ILE C 3 -17.12 -19.24 -13.86
N ASN C 4 -17.66 -18.32 -14.68
CA ASN C 4 -16.77 -17.75 -15.66
C ASN C 4 -15.81 -16.78 -14.97
N ARG C 5 -14.72 -16.50 -15.65
CA ARG C 5 -13.65 -15.75 -15.02
C ARG C 5 -14.02 -14.31 -14.63
N GLN C 6 -14.86 -13.65 -15.41
CA GLN C 6 -15.27 -12.32 -15.09
C GLN C 6 -16.02 -12.31 -13.80
N GLN C 7 -16.94 -13.24 -13.62
CA GLN C 7 -17.70 -13.25 -12.40
C GLN C 7 -16.78 -13.69 -11.22
N TYR C 8 -15.87 -14.64 -11.46
CA TYR C 8 -14.98 -15.13 -10.40
C TYR C 8 -14.19 -13.91 -9.90
N ALA C 9 -13.60 -13.17 -10.82
CA ALA C 9 -12.75 -12.03 -10.40
C ALA C 9 -13.55 -10.94 -9.70
N GLU C 10 -14.80 -10.69 -10.17
CA GLU C 10 -15.65 -9.77 -9.40
C GLU C 10 -15.94 -10.17 -7.96
N SER C 11 -16.13 -11.44 -7.68
CA SER C 11 -16.46 -11.93 -6.37
C SER C 11 -15.22 -12.12 -5.44
N TYR C 12 -14.12 -12.63 -5.97
CA TYR C 12 -12.97 -13.08 -5.17
C TYR C 12 -11.64 -12.36 -5.46
N GLY C 13 -11.67 -11.46 -6.41
CA GLY C 13 -10.50 -10.88 -6.94
C GLY C 13 -10.01 -11.83 -8.03
N PRO C 14 -9.02 -11.38 -8.80
CA PRO C 14 -8.46 -12.06 -9.97
C PRO C 14 -7.66 -13.30 -9.59
N THR C 15 -7.56 -14.26 -10.51
CA THR C 15 -6.83 -15.47 -10.30
C THR C 15 -5.88 -15.67 -11.44
N VAL C 16 -5.27 -16.84 -11.48
CA VAL C 16 -4.06 -17.03 -12.28
C VAL C 16 -4.28 -16.67 -13.74
N GLY C 17 -3.38 -15.86 -14.27
CA GLY C 17 -3.48 -15.38 -15.62
C GLY C 17 -4.26 -14.11 -15.88
N ASP C 18 -5.12 -13.71 -14.95
CA ASP C 18 -5.90 -12.54 -15.12
C ASP C 18 -4.96 -11.34 -14.94
N GLN C 19 -5.27 -10.25 -15.59
CA GLN C 19 -4.51 -9.02 -15.50
C GLN C 19 -5.34 -7.86 -14.94
N VAL C 20 -4.61 -6.90 -14.35
CA VAL C 20 -5.24 -5.76 -13.68
C VAL C 20 -4.46 -4.51 -14.08
N ARG C 21 -5.15 -3.45 -14.54
CA ARG C 21 -4.49 -2.18 -14.84
C ARG C 21 -4.13 -1.43 -13.53
N LEU C 22 -2.95 -0.87 -13.48
CA LEU C 22 -2.52 -0.04 -12.32
C LEU C 22 -3.02 1.41 -12.54
N ALA C 23 -4.04 1.79 -11.79
CA ALA C 23 -4.62 3.10 -11.90
C ALA C 23 -4.99 3.40 -13.32
N ASP C 24 -4.68 4.58 -13.78
CA ASP C 24 -4.94 4.99 -15.19
C ASP C 24 -3.67 4.92 -16.06
N THR C 25 -2.67 4.16 -15.61
CA THR C 25 -1.47 3.93 -16.42
C THR C 25 -1.75 2.88 -17.49
N ASP C 26 -0.75 2.66 -18.33
N ASP C 26 -0.82 2.61 -18.39
CA ASP C 26 -0.73 1.57 -19.30
CA ASP C 26 -0.92 1.41 -19.28
C ASP C 26 -0.19 0.21 -18.74
C ASP C 26 -0.02 0.29 -18.77
N LEU C 27 0.12 0.18 -17.44
CA LEU C 27 0.85 -0.96 -16.83
C LEU C 27 -0.16 -1.99 -16.38
N TRP C 28 0.08 -3.24 -16.76
CA TRP C 28 -0.78 -4.38 -16.42
C TRP C 28 0.01 -5.37 -15.58
N ILE C 29 -0.56 -5.79 -14.46
CA ILE C 29 0.06 -6.87 -13.68
C ILE C 29 -0.77 -8.11 -13.81
N GLU C 30 -0.09 -9.24 -13.82
CA GLU C 30 -0.75 -10.54 -14.04
C GLU C 30 -0.56 -11.42 -12.82
N VAL C 31 -1.64 -12.07 -12.36
CA VAL C 31 -1.58 -13.01 -11.28
C VAL C 31 -0.72 -14.21 -11.68
N GLU C 32 0.38 -14.44 -10.96
CA GLU C 32 1.38 -15.49 -11.37
C GLU C 32 0.96 -16.86 -10.84
N LYS C 33 0.36 -16.87 -9.65
CA LYS C 33 -0.10 -18.08 -8.95
C LYS C 33 -1.11 -17.70 -7.92
N ASP C 34 -1.83 -18.69 -7.46
CA ASP C 34 -2.91 -18.50 -6.46
C ASP C 34 -2.88 -19.63 -5.48
N TYR C 35 -2.87 -19.30 -4.19
CA TYR C 35 -2.79 -20.26 -3.09
C TYR C 35 -4.17 -20.85 -2.70
N THR C 36 -5.26 -20.42 -3.32
CA THR C 36 -6.57 -20.88 -2.92
C THR C 36 -6.85 -22.33 -3.36
N THR C 37 -7.94 -22.83 -2.84
CA THR C 37 -8.56 -24.08 -3.32
C THR C 37 -9.92 -23.61 -3.85
N TYR C 38 -10.13 -23.71 -5.15
CA TYR C 38 -11.35 -23.19 -5.77
C TYR C 38 -12.60 -23.85 -5.20
N GLY C 39 -13.50 -23.02 -4.64
CA GLY C 39 -14.64 -23.44 -3.92
C GLY C 39 -14.57 -23.24 -2.40
N ASP C 40 -13.34 -23.12 -1.88
CA ASP C 40 -13.10 -22.95 -0.46
C ASP C 40 -12.48 -21.57 -0.17
N GLU C 41 -12.68 -20.63 -1.08
CA GLU C 41 -12.23 -19.25 -0.86
C GLU C 41 -12.78 -18.74 0.45
N ALA C 42 -11.94 -18.00 1.18
CA ALA C 42 -12.45 -17.39 2.42
C ALA C 42 -13.16 -16.09 2.09
N ASN C 43 -14.22 -15.75 2.83
CA ASN C 43 -14.92 -14.48 2.72
C ASN C 43 -15.76 -14.31 3.96
N PHE C 44 -16.11 -13.07 4.29
CA PHE C 44 -16.78 -12.73 5.50
C PHE C 44 -18.02 -11.90 5.26
N GLY C 45 -19.10 -12.24 5.94
CA GLY C 45 -20.35 -11.48 5.93
C GLY C 45 -21.54 -12.39 6.21
N GLY C 46 -22.75 -11.87 5.95
CA GLY C 46 -23.99 -12.62 6.20
C GLY C 46 -24.03 -13.81 5.28
N GLY C 47 -24.20 -14.98 5.84
CA GLY C 47 -24.25 -16.26 5.09
C GLY C 47 -22.97 -16.63 4.37
N LYS C 48 -21.87 -15.94 4.72
N LYS C 48 -21.85 -16.02 4.74
CA LYS C 48 -20.57 -16.22 4.08
CA LYS C 48 -20.61 -16.34 4.06
C LYS C 48 -19.78 -17.36 4.77
C LYS C 48 -19.77 -17.39 4.81
N VAL C 49 -18.55 -17.61 4.35
CA VAL C 49 -17.80 -18.79 4.75
C VAL C 49 -17.22 -18.73 6.15
N LEU C 50 -16.76 -17.54 6.59
CA LEU C 50 -16.04 -17.44 7.88
C LEU C 50 -17.01 -17.26 9.02
N ARG C 51 -17.65 -18.38 9.30
CA ARG C 51 -18.64 -18.51 10.36
C ARG C 51 -18.32 -19.80 11.13
N GLU C 52 -18.69 -19.78 12.42
CA GLU C 52 -18.33 -20.80 13.39
C GLU C 52 -18.87 -22.19 12.97
N GLY C 53 -17.93 -23.14 12.88
CA GLY C 53 -18.14 -24.52 12.47
C GLY C 53 -17.97 -24.71 11.00
N MET C 54 -17.75 -23.62 10.30
CA MET C 54 -17.70 -23.59 8.84
C MET C 54 -16.27 -23.17 8.49
N GLY C 55 -16.11 -22.04 7.82
CA GLY C 55 -14.76 -21.54 7.58
C GLY C 55 -14.01 -20.93 8.79
N GLU C 56 -14.74 -20.65 9.85
CA GLU C 56 -14.17 -20.33 11.17
C GLU C 56 -14.20 -21.52 12.08
N ASN C 57 -13.03 -21.88 12.55
CA ASN C 57 -12.89 -22.94 13.60
C ASN C 57 -13.38 -22.47 14.96
N GLY C 58 -14.24 -23.25 15.62
CA GLY C 58 -14.75 -22.89 16.94
C GLY C 58 -14.09 -23.63 18.11
N THR C 59 -13.04 -24.40 17.83
CA THR C 59 -12.36 -25.23 18.81
C THR C 59 -11.12 -24.58 19.41
N TYR C 60 -10.28 -23.99 18.56
CA TYR C 60 -8.92 -23.66 18.94
C TYR C 60 -8.83 -22.30 19.64
N THR C 61 -8.00 -22.31 20.70
CA THR C 61 -7.63 -21.05 21.40
C THR C 61 -6.67 -20.32 20.56
N ARG C 62 -6.44 -19.05 20.90
CA ARG C 62 -5.62 -18.20 20.04
C ARG C 62 -4.24 -18.74 19.81
N THR C 63 -3.66 -19.35 20.84
CA THR C 63 -2.27 -19.85 20.77
CA THR C 63 -2.27 -19.77 20.72
C THR C 63 -2.10 -20.99 19.74
N GLU C 64 -3.19 -21.70 19.51
CA GLU C 64 -3.28 -22.95 18.71
CA GLU C 64 -3.10 -22.90 18.68
C GLU C 64 -3.47 -22.68 17.21
N ASN C 65 -2.53 -22.05 16.53
CA ASN C 65 -2.53 -21.84 15.12
C ASN C 65 -3.59 -20.95 14.58
N VAL C 66 -4.18 -20.14 15.49
CA VAL C 66 -5.20 -19.22 15.12
C VAL C 66 -4.63 -17.82 14.91
N LEU C 67 -5.18 -17.09 13.95
CA LEU C 67 -4.72 -15.77 13.53
C LEU C 67 -5.37 -14.67 14.33
N ASP C 68 -4.68 -13.55 14.50
CA ASP C 68 -5.35 -12.34 14.97
C ASP C 68 -6.09 -11.60 13.84
N LEU C 69 -5.63 -11.74 12.60
CA LEU C 69 -6.21 -11.05 11.47
C LEU C 69 -5.94 -11.85 10.23
N LEU C 70 -6.96 -11.94 9.37
CA LEU C 70 -6.80 -12.54 8.04
C LEU C 70 -7.25 -11.53 7.03
N LEU C 71 -6.37 -11.20 6.11
CA LEU C 71 -6.66 -10.44 4.91
C LEU C 71 -7.04 -11.46 3.85
N THR C 72 -8.30 -11.49 3.43
CA THR C 72 -8.77 -12.55 2.47
C THR C 72 -8.56 -12.09 1.02
N ASN C 73 -8.10 -13.00 0.17
CA ASN C 73 -8.09 -12.83 -1.23
C ASN C 73 -7.26 -11.63 -1.76
N ALA C 74 -6.12 -11.42 -1.17
CA ALA C 74 -5.21 -10.34 -1.57
C ALA C 74 -4.45 -10.61 -2.86
N LEU C 75 -4.36 -9.58 -3.74
CA LEU C 75 -3.45 -9.59 -4.89
C LEU C 75 -2.20 -8.88 -4.43
N ILE C 76 -1.19 -9.68 -4.12
CA ILE C 76 0.06 -9.17 -3.61
C ILE C 76 0.93 -8.72 -4.74
N LEU C 77 1.51 -7.53 -4.60
CA LEU C 77 2.49 -7.02 -5.49
C LEU C 77 3.70 -6.71 -4.71
N ASP C 78 4.79 -7.48 -4.95
CA ASP C 78 5.97 -7.49 -4.06
C ASP C 78 7.19 -7.91 -4.87
N TYR C 79 8.41 -7.61 -4.38
CA TYR C 79 9.60 -8.07 -5.06
C TYR C 79 9.58 -9.59 -5.19
N THR C 80 8.94 -10.29 -4.26
CA THR C 80 8.94 -11.74 -4.26
C THR C 80 7.92 -12.34 -5.21
N GLY C 81 7.04 -11.53 -5.82
CA GLY C 81 6.05 -12.06 -6.77
C GLY C 81 4.79 -11.24 -6.84
N ILE C 82 3.96 -11.54 -7.83
CA ILE C 82 2.66 -10.92 -8.03
C ILE C 82 1.67 -12.07 -8.05
N TYR C 83 0.93 -12.24 -6.99
CA TYR C 83 0.18 -13.52 -6.79
C TYR C 83 -0.95 -13.31 -5.83
N LYS C 84 -1.86 -14.28 -5.81
CA LYS C 84 -3.05 -14.24 -5.03
C LYS C 84 -2.90 -15.11 -3.80
N ALA C 85 -3.20 -14.53 -2.62
CA ALA C 85 -3.13 -15.29 -1.41
C ALA C 85 -3.92 -14.62 -0.32
N ASP C 86 -4.22 -15.39 0.68
CA ASP C 86 -4.66 -14.85 2.02
C ASP C 86 -3.44 -14.51 2.82
N ILE C 87 -3.53 -13.49 3.64
CA ILE C 87 -2.36 -13.07 4.43
C ILE C 87 -2.74 -13.12 5.87
N GLY C 88 -2.02 -13.91 6.68
CA GLY C 88 -2.36 -14.07 8.10
C GLY C 88 -1.40 -13.31 9.02
N VAL C 89 -1.95 -12.61 9.97
CA VAL C 89 -1.17 -11.78 10.88
C VAL C 89 -1.43 -12.20 12.31
N LYS C 90 -0.38 -12.19 13.12
CA LYS C 90 -0.46 -12.53 14.53
C LYS C 90 0.65 -11.82 15.31
N ASP C 91 0.31 -11.29 16.45
CA ASP C 91 1.24 -10.49 17.27
C ASP C 91 1.84 -9.36 16.47
N GLY C 92 1.11 -8.80 15.53
CA GLY C 92 1.59 -7.66 14.77
C GLY C 92 2.48 -7.97 13.64
N TYR C 93 2.73 -9.25 13.38
CA TYR C 93 3.66 -9.73 12.32
C TYR C 93 2.91 -10.56 11.31
N ILE C 94 3.43 -10.59 10.11
CA ILE C 94 2.95 -11.51 9.12
C ILE C 94 3.44 -12.91 9.47
N VAL C 95 2.53 -13.82 9.73
CA VAL C 95 2.89 -15.20 10.13
C VAL C 95 2.60 -16.25 9.04
N GLY C 96 1.74 -15.93 8.10
CA GLY C 96 1.38 -16.87 7.07
C GLY C 96 0.91 -16.18 5.83
N ILE C 97 1.38 -16.66 4.66
CA ILE C 97 0.86 -16.23 3.36
C ILE C 97 0.44 -17.55 2.71
N GLY C 98 -0.83 -17.69 2.41
CA GLY C 98 -1.30 -18.95 1.85
C GLY C 98 -2.79 -18.97 1.79
N LYS C 99 -3.39 -19.87 2.54
CA LYS C 99 -4.81 -20.10 2.47
C LYS C 99 -5.32 -20.22 3.89
N GLY C 100 -6.18 -19.30 4.29
CA GLY C 100 -6.78 -19.31 5.59
C GLY C 100 -8.17 -19.95 5.70
N GLY C 101 -8.55 -20.33 6.89
CA GLY C 101 -9.86 -20.92 7.12
C GLY C 101 -9.88 -21.99 8.18
N ASN C 102 -10.56 -23.10 7.93
CA ASN C 102 -10.83 -24.07 8.96
C ASN C 102 -10.46 -25.44 8.41
N PRO C 103 -9.41 -26.06 8.96
CA PRO C 103 -8.99 -27.38 8.45
C PRO C 103 -10.04 -28.45 8.76
N ASP C 104 -11.03 -28.20 9.65
CA ASP C 104 -12.11 -29.15 9.91
C ASP C 104 -12.73 -29.60 8.59
N ILE C 105 -13.00 -28.61 7.70
CA ILE C 105 -13.83 -28.80 6.53
C ILE C 105 -13.29 -28.35 5.23
N MET C 106 -12.16 -27.63 5.21
CA MET C 106 -11.60 -27.07 4.00
C MET C 106 -10.30 -27.74 3.63
N ASP C 107 -10.09 -27.90 2.33
CA ASP C 107 -8.88 -28.41 1.86
C ASP C 107 -7.88 -27.21 1.73
N GLY C 108 -6.62 -27.55 1.84
CA GLY C 108 -5.52 -26.65 1.45
C GLY C 108 -5.27 -25.57 2.50
N VAL C 109 -5.73 -25.69 3.73
CA VAL C 109 -5.54 -24.57 4.71
C VAL C 109 -4.09 -24.59 5.20
N THR C 110 -3.42 -23.47 5.09
CA THR C 110 -2.08 -23.34 5.66
C THR C 110 -2.18 -23.54 7.18
N PRO C 111 -1.33 -24.41 7.79
CA PRO C 111 -1.58 -24.92 9.13
C PRO C 111 -1.64 -23.88 10.24
N ASN C 112 -0.89 -22.81 10.06
CA ASN C 112 -0.98 -21.69 11.02
C ASN C 112 -1.87 -20.52 10.59
N MET C 113 -2.79 -20.75 9.66
CA MET C 113 -3.71 -19.73 9.24
C MET C 113 -5.13 -20.08 9.54
N ILE C 114 -5.36 -20.57 10.74
CA ILE C 114 -6.73 -20.86 11.15
C ILE C 114 -7.48 -19.59 11.55
N VAL C 115 -8.67 -19.46 10.96
CA VAL C 115 -9.64 -18.51 11.45
C VAL C 115 -10.34 -19.04 12.61
N GLY C 116 -10.20 -18.35 13.75
CA GLY C 116 -10.82 -18.80 14.98
C GLY C 116 -11.54 -17.69 15.68
N THR C 117 -11.96 -17.92 16.92
CA THR C 117 -12.70 -16.89 17.65
C THR C 117 -11.88 -15.63 17.75
N ALA C 118 -10.56 -15.76 17.83
CA ALA C 118 -9.67 -14.61 17.99
C ALA C 118 -9.40 -13.78 16.73
N THR C 119 -9.97 -14.18 15.61
CA THR C 119 -9.58 -13.62 14.33
C THR C 119 -10.49 -12.52 13.79
N GLU C 120 -9.86 -11.39 13.51
CA GLU C 120 -10.47 -10.27 12.73
C GLU C 120 -10.29 -10.51 11.28
N VAL C 121 -11.17 -9.93 10.49
CA VAL C 121 -11.13 -10.10 9.00
C VAL C 121 -11.13 -8.80 8.29
N ILE C 122 -10.18 -8.67 7.40
CA ILE C 122 -10.15 -7.63 6.38
C ILE C 122 -10.35 -8.28 4.99
N ALA C 123 -11.36 -7.82 4.25
CA ALA C 123 -11.59 -8.35 2.91
C ALA C 123 -10.65 -7.67 1.93
N ALA C 124 -9.73 -8.38 1.34
CA ALA C 124 -8.88 -7.76 0.33
C ALA C 124 -9.25 -8.17 -1.10
N GLU C 125 -10.33 -8.96 -1.28
CA GLU C 125 -10.78 -9.27 -2.66
C GLU C 125 -10.96 -7.99 -3.48
N GLY C 126 -10.30 -7.96 -4.63
CA GLY C 126 -10.33 -6.88 -5.60
C GLY C 126 -9.38 -5.76 -5.21
N LYS C 127 -8.59 -5.97 -4.18
CA LYS C 127 -7.56 -4.98 -3.82
C LYS C 127 -6.19 -5.50 -4.20
N ILE C 128 -5.29 -4.56 -4.41
CA ILE C 128 -3.85 -4.85 -4.48
C ILE C 128 -3.22 -4.53 -3.13
N VAL C 129 -2.44 -5.46 -2.61
CA VAL C 129 -1.80 -5.30 -1.34
C VAL C 129 -0.30 -5.22 -1.54
N THR C 130 0.30 -4.17 -1.02
CA THR C 130 1.77 -4.06 -1.05
C THR C 130 2.34 -3.84 0.36
N ALA C 131 3.64 -3.99 0.48
CA ALA C 131 4.33 -3.57 1.69
C ALA C 131 4.21 -2.04 1.81
N GLY C 132 4.31 -1.55 3.05
CA GLY C 132 4.35 -0.11 3.27
C GLY C 132 5.66 0.40 2.67
N GLY C 133 5.60 1.60 2.09
CA GLY C 133 6.76 2.27 1.55
C GLY C 133 7.75 2.68 2.62
N ILE C 134 9.01 2.67 2.24
CA ILE C 134 10.12 2.96 3.10
C ILE C 134 10.83 4.15 2.51
N ASP C 135 10.66 5.31 3.11
CA ASP C 135 11.25 6.54 2.61
C ASP C 135 12.46 6.86 3.44
N THR C 136 13.63 6.87 2.83
CA THR C 136 14.92 6.96 3.53
C THR C 136 15.53 8.33 3.36
N HIS C 137 14.79 9.27 2.79
CA HIS C 137 15.27 10.64 2.69
C HIS C 137 14.24 11.66 3.19
N VAL C 138 13.98 11.62 4.47
CA VAL C 138 12.93 12.47 5.10
C VAL C 138 13.56 13.60 5.91
N HIS C 139 13.17 14.83 5.63
CA HIS C 139 13.50 15.95 6.50
C HIS C 139 12.32 16.12 7.47
N PHE C 140 12.59 16.07 8.76
CA PHE C 140 11.54 16.22 9.77
C PHE C 140 11.42 17.68 10.03
N ILE C 141 10.49 18.31 9.30
CA ILE C 141 10.32 19.75 9.29
C ILE C 141 8.93 20.20 9.79
N ASN C 142 7.91 19.43 9.52
CA ASN C 142 6.55 19.80 9.82
C ASN C 142 5.77 18.54 10.15
N PRO C 143 5.30 18.38 11.36
CA PRO C 143 4.63 17.10 11.65
C PRO C 143 3.41 16.70 10.78
N ASP C 144 2.77 17.69 10.16
CA ASP C 144 1.68 17.46 9.20
C ASP C 144 2.17 16.59 8.02
N GLN C 145 3.49 16.46 7.88
CA GLN C 145 4.06 15.61 6.82
C GLN C 145 3.76 14.16 6.97
N VAL C 146 3.44 13.72 8.17
CA VAL C 146 3.26 12.29 8.42
C VAL C 146 2.00 11.75 7.73
N ASP C 147 0.88 12.42 7.88
CA ASP C 147 -0.36 12.00 7.26
C ASP C 147 -0.24 12.06 5.74
N VAL C 148 0.55 13.01 5.25
CA VAL C 148 0.78 13.11 3.84
C VAL C 148 1.43 11.84 3.34
N ALA C 149 2.46 11.41 4.07
CA ALA C 149 3.14 10.15 3.71
C ALA C 149 2.23 8.91 3.82
N LEU C 150 1.45 8.80 4.90
CA LEU C 150 0.57 7.67 5.09
C LEU C 150 -0.50 7.59 3.96
N ALA C 151 -1.00 8.74 3.52
CA ALA C 151 -2.05 8.76 2.48
C ALA C 151 -1.56 8.22 1.11
N ASN C 152 -0.25 8.27 0.85
CA ASN C 152 0.36 7.63 -0.31
C ASN C 152 1.06 6.36 -0.02
N GLY C 153 0.72 5.70 1.09
CA GLY C 153 1.17 4.35 1.37
C GLY C 153 2.61 4.20 1.92
N ILE C 154 3.14 5.24 2.52
CA ILE C 154 4.44 5.17 3.19
C ILE C 154 4.28 4.86 4.66
N THR C 155 5.05 3.92 5.14
CA THR C 155 4.92 3.46 6.52
C THR C 155 6.19 3.62 7.41
N THR C 156 7.34 3.95 6.80
CA THR C 156 8.61 4.11 7.51
C THR C 156 9.27 5.37 6.97
N LEU C 157 9.60 6.26 7.91
CA LEU C 157 10.36 7.49 7.58
C LEU C 157 11.77 7.41 8.22
N PHE C 158 12.83 7.42 7.38
CA PHE C 158 14.19 7.55 7.84
C PHE C 158 14.72 8.87 7.35
N GLY C 159 15.31 9.61 8.28
CA GLY C 159 15.88 10.89 7.98
C GLY C 159 16.20 11.65 9.24
N GLY C 160 16.14 12.94 9.18
CA GLY C 160 16.53 13.77 10.33
C GLY C 160 15.91 15.12 10.28
N GLY C 161 16.00 15.78 11.43
CA GLY C 161 15.58 17.16 11.59
C GLY C 161 14.92 17.39 12.89
N THR C 162 14.82 18.65 13.27
CA THR C 162 14.25 19.07 14.53
C THR C 162 13.04 19.97 14.40
N GLY C 163 12.42 19.97 13.21
CA GLY C 163 11.45 20.94 12.80
C GLY C 163 12.09 21.98 11.88
N PRO C 164 11.48 23.15 11.76
CA PRO C 164 11.88 24.06 10.69
C PRO C 164 12.98 24.99 11.09
N ALA C 165 14.04 24.36 11.56
CA ALA C 165 15.30 25.00 11.77
C ALA C 165 16.05 24.92 10.44
N GLU C 166 16.91 25.89 10.16
CA GLU C 166 17.66 25.86 8.87
C GLU C 166 18.47 24.65 8.65
N GLY C 167 19.12 24.08 9.71
CA GLY C 167 19.87 22.88 9.47
C GLY C 167 18.98 21.75 8.99
N SER C 168 17.80 21.64 9.58
CA SER C 168 16.85 20.58 9.19
C SER C 168 16.15 20.80 7.83
N LYS C 169 15.91 22.06 7.55
CA LYS C 169 15.35 22.49 6.24
C LYS C 169 16.30 22.14 5.09
N ALA C 170 17.60 22.18 5.34
CA ALA C 170 18.59 21.79 4.31
C ALA C 170 18.98 20.31 4.32
N THR C 171 19.05 19.68 5.50
CA THR C 171 19.73 18.39 5.66
C THR C 171 18.91 17.41 6.49
N THR C 172 19.02 16.14 6.17
CA THR C 172 18.33 15.10 6.96
C THR C 172 19.18 14.74 8.18
N VAL C 173 19.33 15.67 9.11
CA VAL C 173 20.20 15.56 10.22
C VAL C 173 19.51 15.97 11.52
N THR C 174 19.63 15.13 12.55
CA THR C 174 19.27 15.50 13.94
C THR C 174 20.61 15.52 14.65
N PRO C 175 21.16 16.73 14.95
CA PRO C 175 22.55 16.71 15.38
C PRO C 175 22.77 16.54 16.86
N GLY C 176 23.64 15.62 17.21
CA GLY C 176 24.11 15.52 18.57
C GLY C 176 23.22 14.74 19.50
N PRO C 177 23.79 14.36 20.62
CA PRO C 177 23.00 13.57 21.58
C PRO C 177 21.72 14.21 22.06
N TRP C 178 21.74 15.49 22.38
CA TRP C 178 20.54 16.07 22.96
C TRP C 178 19.38 16.20 21.91
N ASN C 179 19.68 16.66 20.69
CA ASN C 179 18.62 16.80 19.68
C ASN C 179 18.11 15.45 19.31
N ILE C 180 18.97 14.45 19.31
CA ILE C 180 18.54 13.06 19.01
C ILE C 180 17.59 12.55 20.07
N GLU C 181 17.96 12.72 21.34
CA GLU C 181 17.08 12.36 22.45
C GLU C 181 15.70 13.03 22.33
N LYS C 182 15.71 14.33 22.09
CA LYS C 182 14.49 15.11 22.01
C LYS C 182 13.63 14.56 20.89
N MET C 183 14.23 14.26 19.74
CA MET C 183 13.44 13.75 18.59
C MET C 183 12.99 12.32 18.76
N LEU C 184 13.73 11.50 19.53
CA LEU C 184 13.25 10.14 19.83
C LEU C 184 11.98 10.25 20.70
N LYS C 185 11.95 11.22 21.61
N LYS C 185 11.95 11.22 21.62
CA LYS C 185 10.79 11.48 22.41
CA LYS C 185 10.77 11.44 22.42
C LYS C 185 9.58 12.02 21.67
C LYS C 185 9.58 11.97 21.62
N SER C 186 9.83 12.90 20.71
CA SER C 186 8.81 13.40 19.80
C SER C 186 8.17 12.23 18.99
N THR C 187 9.05 11.33 18.53
CA THR C 187 8.65 10.16 17.75
C THR C 187 7.57 9.32 18.41
N GLU C 188 7.53 9.31 19.75
CA GLU C 188 6.52 8.59 20.48
C GLU C 188 5.11 8.96 20.02
N GLY C 189 4.96 10.17 19.50
CA GLY C 189 3.66 10.65 19.00
C GLY C 189 3.44 10.61 17.53
N LEU C 190 4.35 10.06 16.75
CA LEU C 190 4.25 10.08 15.27
C LEU C 190 3.73 8.71 14.84
N PRO C 191 2.61 8.65 14.12
CA PRO C 191 2.03 7.36 13.78
C PRO C 191 2.64 6.75 12.51
N ILE C 192 3.94 6.51 12.56
CA ILE C 192 4.69 5.94 11.43
C ILE C 192 5.98 5.38 12.02
N ASN C 193 6.63 4.44 11.34
CA ASN C 193 7.90 3.94 11.81
C ASN C 193 8.95 5.03 11.53
N VAL C 194 9.95 5.15 12.37
CA VAL C 194 10.98 6.19 12.25
C VAL C 194 12.35 5.70 12.55
N GLY C 195 13.32 6.22 11.85
CA GLY C 195 14.74 6.07 12.21
C GLY C 195 15.42 7.42 11.97
N ILE C 196 16.29 7.81 12.88
CA ILE C 196 16.89 9.15 12.93
C ILE C 196 18.37 9.13 12.51
N LEU C 197 18.77 10.04 11.65
CA LEU C 197 20.14 10.18 11.20
C LEU C 197 20.82 11.29 11.93
N GLY C 198 22.03 10.99 12.43
CA GLY C 198 22.91 12.05 13.00
C GLY C 198 23.73 12.75 11.94
N LYS C 199 24.47 13.73 12.40
CA LYS C 199 25.30 14.56 11.53
C LYS C 199 26.59 13.77 11.23
N GLY C 200 26.79 13.45 9.98
CA GLY C 200 27.99 12.68 9.56
C GLY C 200 29.16 13.64 9.21
N HIS C 201 29.52 14.44 10.18
CA HIS C 201 30.52 15.49 10.06
C HIS C 201 31.36 15.63 11.30
N GLY C 202 32.65 15.67 11.07
CA GLY C 202 33.67 15.80 12.14
C GLY C 202 35.00 15.28 11.68
N SER C 203 36.04 15.67 12.39
CA SER C 203 37.38 15.21 12.08
C SER C 203 37.94 14.28 13.19
N SER C 204 37.20 14.13 14.28
CA SER C 204 37.49 13.17 15.38
C SER C 204 36.32 12.25 15.40
N ILE C 205 36.56 11.00 15.82
CA ILE C 205 35.51 9.96 15.85
C ILE C 205 34.47 10.26 16.91
N ALA C 206 34.89 10.68 18.10
CA ALA C 206 34.01 10.77 19.26
C ALA C 206 32.74 11.63 19.07
N PRO C 207 32.85 12.84 18.52
CA PRO C 207 31.66 13.68 18.26
C PRO C 207 30.63 13.03 17.32
N ILE C 208 31.08 12.18 16.41
CA ILE C 208 30.21 11.53 15.54
C ILE C 208 29.59 10.29 16.19
N MET C 209 30.43 9.46 16.79
CA MET C 209 30.00 8.24 17.41
C MET C 209 29.02 8.52 18.51
N GLU C 210 29.20 9.57 19.29
CA GLU C 210 28.28 9.78 20.39
C GLU C 210 26.80 9.93 19.98
N GLN C 211 26.58 10.27 18.71
CA GLN C 211 25.22 10.35 18.18
C GLN C 211 24.68 8.96 17.99
N ILE C 212 25.51 8.03 17.53
CA ILE C 212 25.06 6.66 17.39
C ILE C 212 24.70 6.07 18.78
N ASP C 213 25.56 6.25 19.75
CA ASP C 213 25.29 5.76 21.12
C ASP C 213 24.05 6.41 21.73
N ALA C 214 23.73 7.63 21.29
CA ALA C 214 22.53 8.37 21.77
C ALA C 214 21.22 7.87 21.20
N GLY C 215 21.29 7.09 20.13
CA GLY C 215 20.07 6.47 19.54
C GLY C 215 19.84 6.76 18.05
N ALA C 216 20.78 7.43 17.37
CA ALA C 216 20.69 7.53 15.94
C ALA C 216 20.78 6.15 15.28
N ALA C 217 20.10 6.05 14.13
CA ALA C 217 19.99 4.85 13.31
C ALA C 217 20.91 4.84 12.12
N GLY C 218 21.70 5.90 11.94
CA GLY C 218 22.50 6.11 10.79
C GLY C 218 23.05 7.47 10.77
N LEU C 219 23.77 7.78 9.70
CA LEU C 219 24.34 9.13 9.56
C LEU C 219 24.04 9.74 8.18
N KCX C 220 24.07 11.05 8.13
CA KCX C 220 23.92 11.81 6.89
CB KCX C 220 22.69 12.70 6.84
CG KCX C 220 22.61 13.69 5.63
CD KCX C 220 22.37 12.92 4.33
CE KCX C 220 22.13 13.93 3.23
NZ KCX C 220 20.89 14.63 3.42
C KCX C 220 25.09 12.74 6.73
O KCX C 220 25.36 13.59 7.60
CX KCX C 220 20.33 15.31 2.41
OQ1 KCX C 220 19.26 15.98 2.71
OQ2 KCX C 220 20.78 15.31 1.23
N ILE C 221 25.82 12.55 5.64
CA ILE C 221 26.87 13.49 5.20
C ILE C 221 26.22 14.45 4.16
N HIS C 222 26.29 15.76 4.40
CA HIS C 222 25.67 16.74 3.53
C HIS C 222 26.64 17.87 3.30
N GLU C 223 26.74 18.31 2.05
CA GLU C 223 27.64 19.41 1.73
C GLU C 223 27.44 20.66 2.56
N ASP C 224 26.21 20.91 3.00
CA ASP C 224 26.00 22.13 3.79
C ASP C 224 26.69 22.12 5.14
N TRP C 225 27.08 20.93 5.63
CA TRP C 225 27.89 20.82 6.83
C TRP C 225 29.40 20.56 6.53
N GLY C 226 29.74 20.53 5.24
CA GLY C 226 31.10 20.21 4.79
C GLY C 226 31.26 18.76 4.41
N ALA C 227 30.91 18.42 3.20
CA ALA C 227 31.07 17.05 2.71
C ALA C 227 32.51 16.83 2.24
N THR C 228 33.42 17.02 3.19
CA THR C 228 34.88 16.97 2.94
C THR C 228 35.38 15.55 3.04
N PRO C 229 36.55 15.27 2.48
CA PRO C 229 37.20 14.00 2.67
C PRO C 229 37.28 13.52 4.12
N ALA C 230 37.47 14.44 5.08
CA ALA C 230 37.62 13.99 6.46
C ALA C 230 36.27 13.55 6.98
N SER C 231 35.23 14.39 6.74
CA SER C 231 33.86 14.05 7.28
C SER C 231 33.38 12.75 6.65
N ILE C 232 33.68 12.55 5.40
CA ILE C 232 33.27 11.31 4.76
C ILE C 232 33.95 10.10 5.42
N ASP C 233 35.24 10.22 5.57
CA ASP C 233 36.08 9.14 6.15
C ASP C 233 35.68 8.80 7.60
N ARG C 234 35.53 9.83 8.45
CA ARG C 234 35.22 9.55 9.81
C ARG C 234 33.84 8.90 9.91
N SER C 235 32.89 9.39 9.13
CA SER C 235 31.52 8.82 9.16
C SER C 235 31.47 7.37 8.78
N LEU C 236 32.23 7.01 7.78
CA LEU C 236 32.24 5.64 7.38
C LEU C 236 33.02 4.74 8.37
N THR C 237 34.08 5.26 8.99
CA THR C 237 34.73 4.54 10.08
C THR C 237 33.75 4.24 11.26
N VAL C 238 32.96 5.24 11.62
CA VAL C 238 31.96 5.08 12.65
C VAL C 238 30.93 4.03 12.21
N ALA C 239 30.49 4.17 10.96
CA ALA C 239 29.44 3.26 10.45
C ALA C 239 29.87 1.84 10.40
N ASP C 240 31.09 1.63 9.95
CA ASP C 240 31.65 0.30 9.94
C ASP C 240 31.75 -0.30 11.37
N GLU C 241 32.01 0.48 12.40
CA GLU C 241 32.11 -0.02 13.77
C GLU C 241 30.70 -0.25 14.33
N ALA C 242 29.73 0.61 13.95
CA ALA C 242 28.43 0.66 14.60
C ALA C 242 27.35 -0.16 13.91
N ASP C 243 27.65 -0.59 12.71
CA ASP C 243 26.72 -1.28 11.82
C ASP C 243 25.46 -0.47 11.49
N VAL C 244 25.67 0.74 11.02
CA VAL C 244 24.54 1.59 10.52
C VAL C 244 24.91 2.13 9.18
N GLN C 245 23.91 2.60 8.45
CA GLN C 245 24.13 3.17 7.15
C GLN C 245 24.48 4.67 7.18
N VAL C 246 25.28 5.04 6.21
CA VAL C 246 25.66 6.42 5.92
C VAL C 246 25.04 6.83 4.56
N ALA C 247 24.32 7.94 4.57
CA ALA C 247 23.81 8.55 3.34
C ALA C 247 24.69 9.75 3.02
N ILE C 248 24.86 10.01 1.74
CA ILE C 248 25.64 11.16 1.29
C ILE C 248 24.96 12.05 0.25
N HIS C 249 25.08 13.35 0.50
CA HIS C 249 24.79 14.40 -0.46
C HIS C 249 26.14 15.10 -0.60
N SER C 250 26.80 14.83 -1.72
CA SER C 250 28.22 15.20 -1.91
C SER C 250 28.42 16.70 -2.23
N ASP C 251 29.68 17.07 -2.34
CA ASP C 251 30.17 18.48 -2.57
C ASP C 251 29.89 18.86 -4.05
N THR C 252 28.70 19.42 -4.28
CA THR C 252 28.29 19.99 -5.56
C THR C 252 29.29 20.93 -6.11
N LEU C 253 29.81 21.76 -5.24
CA LEU C 253 30.79 22.81 -5.62
C LEU C 253 32.16 22.27 -6.01
N ASN C 254 32.43 21.00 -5.78
CA ASN C 254 33.75 20.45 -6.04
C ASN C 254 34.85 21.16 -5.29
N GLU C 255 34.52 21.71 -4.12
CA GLU C 255 35.42 22.60 -3.47
C GLU C 255 36.68 21.91 -2.95
N ALA C 256 36.52 20.76 -2.28
CA ALA C 256 37.65 20.00 -1.76
C ALA C 256 38.02 18.83 -2.66
N GLY C 257 37.27 18.56 -3.71
CA GLY C 257 37.48 17.42 -4.52
C GLY C 257 36.44 17.29 -5.58
N PHE C 258 36.73 16.49 -6.60
CA PHE C 258 35.75 16.07 -7.59
C PHE C 258 35.21 14.71 -7.19
N LEU C 259 34.29 14.18 -7.98
CA LEU C 259 33.68 12.89 -7.63
C LEU C 259 34.74 11.84 -7.28
N GLU C 260 35.81 11.76 -8.07
CA GLU C 260 36.85 10.73 -7.82
C GLU C 260 37.48 10.91 -6.44
N ASP C 261 37.57 12.17 -5.93
CA ASP C 261 38.05 12.38 -4.58
C ASP C 261 37.09 11.85 -3.52
N THR C 262 35.81 12.12 -3.71
CA THR C 262 34.79 11.55 -2.81
C THR C 262 34.84 10.01 -2.83
N LEU C 263 34.93 9.41 -4.01
CA LEU C 263 35.06 7.95 -4.07
C LEU C 263 36.34 7.43 -3.37
N ARG C 264 37.46 8.16 -3.48
CA ARG C 264 38.65 7.76 -2.79
C ARG C 264 38.50 7.83 -1.29
N ALA C 265 37.83 8.86 -0.79
CA ALA C 265 37.55 8.96 0.62
C ALA C 265 36.68 7.76 1.11
N ILE C 266 35.73 7.44 0.29
CA ILE C 266 34.83 6.32 0.62
C ILE C 266 35.64 5.03 0.71
N ASN C 267 36.57 4.86 -0.22
CA ASN C 267 37.53 3.76 -0.19
C ASN C 267 36.92 2.40 -0.20
N GLY C 268 35.89 2.21 -1.02
CA GLY C 268 35.26 0.88 -1.19
C GLY C 268 34.19 0.54 -0.17
N ARG C 269 34.04 1.39 0.84
CA ARG C 269 33.05 1.12 1.90
C ARG C 269 31.66 1.38 1.40
N VAL C 270 30.68 0.76 2.06
N VAL C 270 30.65 0.76 1.99
CA VAL C 270 29.27 0.86 1.64
CA VAL C 270 29.32 0.93 1.44
C VAL C 270 28.73 2.27 1.96
C VAL C 270 28.62 2.16 1.96
N ILE C 271 27.96 2.84 1.03
CA ILE C 271 27.32 4.12 1.28
C ILE C 271 26.06 4.24 0.44
N HIS C 272 25.07 4.95 0.98
CA HIS C 272 23.82 5.23 0.26
C HIS C 272 23.98 6.63 -0.38
N SER C 273 24.00 6.68 -1.69
CA SER C 273 24.10 7.97 -2.42
C SER C 273 22.72 8.54 -2.69
N PHE C 274 22.36 9.62 -2.00
CA PHE C 274 21.08 10.26 -2.14
C PHE C 274 21.01 11.02 -3.48
N HIS C 275 19.76 11.24 -3.95
CA HIS C 275 19.46 12.00 -5.22
C HIS C 275 20.65 11.93 -6.17
N VAL C 276 20.93 10.70 -6.59
CA VAL C 276 22.19 10.39 -7.30
C VAL C 276 22.26 11.14 -8.64
N GLU C 277 21.08 11.48 -9.22
CA GLU C 277 21.06 12.24 -10.49
C GLU C 277 21.70 13.62 -10.32
N GLY C 278 21.55 14.20 -9.12
CA GLY C 278 22.27 15.43 -8.81
C GLY C 278 21.53 16.75 -8.80
N ALA C 279 20.29 16.83 -9.33
CA ALA C 279 19.49 18.05 -9.26
C ALA C 279 19.29 18.35 -7.77
N GLY C 280 19.09 17.27 -6.98
CA GLY C 280 18.91 17.46 -5.54
C GLY C 280 20.22 17.72 -4.79
N GLY C 281 21.36 17.58 -5.49
CA GLY C 281 22.65 17.83 -4.90
C GLY C 281 23.71 16.83 -5.27
N GLY C 282 24.93 17.33 -5.42
CA GLY C 282 26.13 16.49 -5.50
C GLY C 282 27.05 16.98 -6.62
N HIS C 283 28.29 16.51 -6.58
CA HIS C 283 29.34 16.93 -7.52
C HIS C 283 28.80 17.27 -8.91
N ALA C 284 28.92 18.54 -9.29
CA ALA C 284 28.46 18.98 -10.58
C ALA C 284 29.54 18.68 -11.68
N PRO C 285 29.22 18.03 -12.82
CA PRO C 285 27.90 17.60 -13.25
C PRO C 285 27.69 16.09 -13.19
N ASP C 286 28.66 15.40 -12.56
CA ASP C 286 28.89 13.94 -12.80
C ASP C 286 28.56 12.97 -11.67
N ILE C 287 27.93 13.49 -10.62
CA ILE C 287 27.60 12.70 -9.44
C ILE C 287 26.85 11.40 -9.79
N MET C 288 26.03 11.43 -10.84
CA MET C 288 25.21 10.26 -11.18
C MET C 288 26.05 9.04 -11.51
N ALA C 289 27.32 9.32 -11.86
CA ALA C 289 28.27 8.22 -12.07
C ALA C 289 28.47 7.29 -10.86
N MET C 290 28.14 7.80 -9.67
CA MET C 290 28.14 6.98 -8.46
CA MET C 290 28.20 6.95 -8.48
C MET C 290 27.36 5.68 -8.63
N ALA C 291 26.27 5.73 -9.44
CA ALA C 291 25.30 4.63 -9.48
C ALA C 291 25.85 3.46 -10.24
N GLY C 292 27.06 3.58 -10.79
CA GLY C 292 27.65 2.43 -11.47
C GLY C 292 28.51 1.55 -10.55
N HIS C 293 28.81 2.04 -9.33
CA HIS C 293 29.77 1.35 -8.44
C HIS C 293 29.18 0.28 -7.56
N PRO C 294 29.97 -0.75 -7.24
CA PRO C 294 29.42 -1.89 -6.51
C PRO C 294 29.16 -1.66 -5.05
N ASN C 295 29.86 -0.67 -4.47
CA ASN C 295 29.68 -0.28 -3.10
C ASN C 295 28.67 0.84 -2.83
N VAL C 296 28.02 1.31 -3.87
CA VAL C 296 27.08 2.41 -3.78
C VAL C 296 25.65 1.89 -3.88
N LEU C 297 24.80 2.28 -2.92
CA LEU C 297 23.40 1.97 -2.92
C LEU C 297 22.74 3.26 -3.37
N PRO C 298 22.31 3.33 -4.66
CA PRO C 298 21.90 4.65 -5.18
C PRO C 298 20.42 4.88 -5.16
N SER C 299 20.02 6.03 -4.64
CA SER C 299 18.59 6.42 -4.67
C SER C 299 18.37 7.73 -5.46
N SER C 300 17.18 7.87 -6.00
CA SER C 300 16.70 9.14 -6.55
C SER C 300 15.76 9.74 -5.54
N THR C 301 15.70 11.06 -5.54
CA THR C 301 14.59 11.77 -4.88
C THR C 301 13.49 12.08 -5.90
N ASN C 302 12.32 12.54 -5.46
CA ASN C 302 11.18 12.46 -6.38
C ASN C 302 10.83 13.62 -7.32
N PRO C 303 11.37 14.87 -7.12
CA PRO C 303 10.83 15.90 -8.06
C PRO C 303 11.32 15.75 -9.49
N THR C 304 12.45 15.07 -9.69
CA THR C 304 12.89 14.82 -11.08
C THR C 304 12.14 13.64 -11.65
N ARG C 305 11.29 12.96 -10.85
CA ARG C 305 10.68 11.72 -11.34
C ARG C 305 9.18 11.92 -11.80
N PRO C 306 8.86 11.59 -13.06
CA PRO C 306 9.81 11.38 -14.18
C PRO C 306 10.08 12.70 -14.89
N PHE C 307 10.81 12.63 -16.01
CA PHE C 307 11.22 13.86 -16.73
C PHE C 307 10.03 14.44 -17.52
N THR C 308 9.57 15.65 -17.12
CA THR C 308 8.41 16.23 -17.78
C THR C 308 8.68 17.60 -18.30
N VAL C 309 7.74 18.14 -19.11
CA VAL C 309 7.95 19.45 -19.71
C VAL C 309 8.06 20.57 -18.73
N ASN C 310 7.45 20.47 -17.54
CA ASN C 310 7.61 21.54 -16.55
C ASN C 310 8.80 21.35 -15.57
N THR C 311 9.48 20.19 -15.65
CA THR C 311 10.51 19.80 -14.66
C THR C 311 11.62 20.84 -14.55
N ILE C 312 12.23 21.22 -15.68
CA ILE C 312 13.42 22.08 -15.64
C ILE C 312 13.04 23.46 -15.14
N ASP C 313 11.94 24.02 -15.68
CA ASP C 313 11.50 25.39 -15.24
C ASP C 313 11.21 25.41 -13.77
N GLU C 314 10.59 24.36 -13.28
CA GLU C 314 10.23 24.30 -11.91
C GLU C 314 11.50 24.24 -11.03
N HIS C 315 12.46 23.37 -11.42
CA HIS C 315 13.67 23.16 -10.62
C HIS C 315 14.60 24.39 -10.63
N LEU C 316 14.81 24.98 -11.82
CA LEU C 316 15.73 26.14 -11.94
C LEU C 316 15.28 27.18 -10.97
N ASP C 317 13.98 27.43 -11.00
CA ASP C 317 13.49 28.48 -10.17
C ASP C 317 13.54 28.11 -8.68
N MET C 318 13.12 26.88 -8.33
CA MET C 318 13.17 26.36 -6.94
C MET C 318 14.59 26.52 -6.37
N LEU C 319 15.58 26.12 -7.17
CA LEU C 319 16.99 26.20 -6.73
C LEU C 319 17.39 27.63 -6.43
N MET C 320 17.05 28.53 -7.37
CA MET C 320 17.42 29.96 -7.33
C MET C 320 16.81 30.60 -6.09
N VAL C 321 15.52 30.39 -5.87
N VAL C 321 15.51 30.39 -5.89
CA VAL C 321 14.85 31.03 -4.72
CA VAL C 321 14.82 30.97 -4.73
C VAL C 321 15.31 30.45 -3.36
C VAL C 321 15.39 30.45 -3.40
N CYS C 322 15.42 29.12 -3.25
CA CYS C 322 15.92 28.50 -2.00
C CYS C 322 17.35 28.89 -1.59
N HIS C 323 18.22 29.11 -2.56
CA HIS C 323 19.58 29.56 -2.30
C HIS C 323 19.77 31.06 -2.38
N HIS C 324 18.70 31.85 -2.46
CA HIS C 324 18.85 33.32 -2.55
C HIS C 324 19.75 33.72 -3.72
N LEU C 325 19.62 33.00 -4.83
CA LEU C 325 20.43 33.20 -6.01
C LEU C 325 19.78 34.25 -6.87
N LYS C 326 20.61 35.09 -7.45
CA LYS C 326 20.16 36.22 -8.19
C LYS C 326 20.40 35.97 -9.68
N GLN C 327 19.33 36.23 -10.44
CA GLN C 327 19.26 36.09 -11.91
C GLN C 327 20.30 36.98 -12.66
N ASN C 328 20.76 38.05 -12.00
CA ASN C 328 21.72 38.99 -12.60
C ASN C 328 23.17 38.80 -12.13
N ILE C 329 23.42 37.79 -11.29
CA ILE C 329 24.76 37.43 -10.86
C ILE C 329 25.22 36.20 -11.65
N PRO C 330 26.27 36.37 -12.49
CA PRO C 330 26.59 35.30 -13.44
C PRO C 330 27.05 34.02 -12.76
N GLU C 331 27.70 34.12 -11.59
CA GLU C 331 28.17 32.91 -10.82
C GLU C 331 26.96 32.08 -10.34
N ASP C 332 25.90 32.78 -9.93
CA ASP C 332 24.64 32.12 -9.50
C ASP C 332 23.97 31.38 -10.70
N VAL C 333 23.88 32.05 -11.86
CA VAL C 333 23.34 31.45 -13.04
C VAL C 333 24.20 30.24 -13.48
N ALA C 334 25.53 30.39 -13.48
CA ALA C 334 26.43 29.29 -13.93
C ALA C 334 26.24 28.07 -12.96
N PHE C 335 26.12 28.37 -11.66
CA PHE C 335 25.94 27.32 -10.64
C PHE C 335 24.62 26.56 -10.92
N ALA C 336 23.55 27.31 -11.18
CA ALA C 336 22.20 26.67 -11.42
C ALA C 336 22.27 25.83 -12.68
N ASP C 337 22.90 26.40 -13.71
CA ASP C 337 23.03 25.68 -14.98
C ASP C 337 23.89 24.42 -14.88
N SER C 338 24.91 24.45 -13.99
CA SER C 338 25.76 23.27 -13.80
C SER C 338 25.00 22.20 -12.99
N ARG C 339 23.94 22.59 -12.25
CA ARG C 339 23.26 21.67 -11.34
C ARG C 339 21.93 21.06 -11.83
N ILE C 340 21.16 21.85 -12.61
CA ILE C 340 19.84 21.44 -13.16
C ILE C 340 20.04 21.14 -14.65
N ARG C 341 20.07 19.86 -15.01
CA ARG C 341 20.56 19.41 -16.36
C ARG C 341 19.55 18.48 -16.98
N PRO C 342 18.95 18.90 -18.12
CA PRO C 342 17.99 17.96 -18.78
C PRO C 342 18.67 16.68 -19.20
N GLU C 343 19.97 16.73 -19.47
CA GLU C 343 20.67 15.54 -19.97
C GLU C 343 20.72 14.45 -18.87
N THR C 344 20.95 14.83 -17.60
CA THR C 344 21.08 13.81 -16.52
C THR C 344 19.67 13.42 -16.00
N ILE C 345 18.75 14.37 -16.00
CA ILE C 345 17.35 14.02 -15.61
C ILE C 345 16.76 13.03 -16.60
N ALA C 346 16.93 13.24 -17.90
CA ALA C 346 16.40 12.29 -18.88
C ALA C 346 17.03 10.90 -18.68
N ALA C 347 18.37 10.88 -18.42
CA ALA C 347 19.10 9.60 -18.34
C ALA C 347 18.64 8.93 -17.05
N GLU C 348 18.26 9.72 -16.06
CA GLU C 348 17.81 9.13 -14.80
C GLU C 348 16.54 8.24 -14.98
N ASP C 349 15.63 8.62 -15.86
CA ASP C 349 14.44 7.81 -16.16
C ASP C 349 14.92 6.41 -16.65
N ILE C 350 15.87 6.43 -17.57
CA ILE C 350 16.35 5.20 -18.17
C ILE C 350 17.18 4.38 -17.20
N LEU C 351 17.98 5.04 -16.36
CA LEU C 351 18.76 4.31 -15.35
C LEU C 351 17.85 3.58 -14.36
N HIS C 352 16.70 4.19 -14.04
CA HIS C 352 15.74 3.45 -13.26
C HIS C 352 15.22 2.21 -13.94
N ASP C 353 14.90 2.36 -15.22
CA ASP C 353 14.28 1.30 -16.00
C ASP C 353 15.18 0.15 -16.19
N LEU C 354 16.48 0.44 -16.24
CA LEU C 354 17.55 -0.53 -16.37
C LEU C 354 18.00 -1.16 -15.09
N GLY C 355 17.49 -0.74 -13.90
CA GLY C 355 17.91 -1.36 -12.70
C GLY C 355 19.29 -0.86 -12.21
N ILE C 356 19.68 0.30 -12.69
CA ILE C 356 20.92 0.93 -12.29
C ILE C 356 20.72 1.92 -11.11
N ILE C 357 19.57 2.55 -10.99
CA ILE C 357 19.29 3.30 -9.72
C ILE C 357 18.31 2.39 -9.01
N SER C 358 18.58 2.08 -7.73
CA SER C 358 17.94 0.97 -7.05
C SER C 358 16.74 1.39 -6.23
N MET C 359 16.70 2.65 -5.90
CA MET C 359 15.76 3.15 -4.85
C MET C 359 15.17 4.51 -5.27
N MET C 360 13.98 4.76 -4.74
N MET C 360 13.99 4.76 -4.72
CA MET C 360 13.30 6.04 -4.75
CA MET C 360 13.29 6.04 -4.75
C MET C 360 13.26 6.51 -3.30
C MET C 360 13.12 6.49 -3.30
N SER C 361 13.00 7.81 -3.13
CA SER C 361 12.83 8.43 -1.84
C SER C 361 12.17 9.78 -2.10
N THR C 362 11.84 10.53 -1.03
CA THR C 362 11.13 11.76 -1.25
C THR C 362 12.00 13.02 -1.27
N ASP C 363 12.84 13.17 -0.25
CA ASP C 363 13.47 14.46 0.10
C ASP C 363 12.43 15.40 0.69
N ALA C 364 11.47 14.81 1.42
CA ALA C 364 10.31 15.58 1.93
C ALA C 364 10.65 16.95 2.50
N LEU C 365 10.02 18.00 1.93
CA LEU C 365 10.05 19.38 2.36
C LEU C 365 11.40 20.09 2.21
N ALA C 366 12.40 19.41 1.66
N ALA C 366 12.38 19.43 1.58
CA ALA C 366 13.69 20.08 1.36
CA ALA C 366 13.74 20.03 1.31
C ALA C 366 13.82 20.32 -0.14
C ALA C 366 14.30 19.72 -0.09
N MET C 367 13.40 19.35 -0.94
CA MET C 367 13.43 19.46 -2.39
C MET C 367 12.76 18.14 -2.84
N GLY C 368 11.59 17.87 -2.28
CA GLY C 368 10.86 16.66 -2.61
C GLY C 368 9.56 16.58 -1.87
N ARG C 369 8.72 15.67 -2.29
CA ARG C 369 7.33 15.70 -1.87
C ARG C 369 7.00 14.47 -1.07
N ALA C 370 6.58 14.71 0.17
CA ALA C 370 6.40 13.64 1.18
C ALA C 370 5.45 12.56 0.73
N GLY C 371 4.45 12.93 -0.09
CA GLY C 371 3.31 12.02 -0.44
C GLY C 371 3.36 11.54 -1.89
N GLU C 372 4.54 11.60 -2.53
CA GLU C 372 4.66 11.32 -3.92
C GLU C 372 5.77 10.33 -4.31
N MET C 373 6.36 9.63 -3.34
CA MET C 373 7.38 8.62 -3.70
C MET C 373 6.77 7.47 -4.49
N VAL C 374 5.65 6.95 -3.97
CA VAL C 374 5.00 5.81 -4.63
C VAL C 374 4.42 6.28 -5.98
N LEU C 375 3.73 7.41 -5.91
CA LEU C 375 3.06 7.98 -7.08
C LEU C 375 4.05 8.11 -8.27
N ARG C 376 5.16 8.75 -7.99
CA ARG C 376 6.14 9.02 -9.04
C ARG C 376 6.92 7.81 -9.55
N THR C 377 7.08 6.80 -8.69
CA THR C 377 7.68 5.54 -9.09
C THR C 377 6.84 4.96 -10.23
N TRP C 378 5.53 4.90 -10.07
CA TRP C 378 4.70 4.34 -11.10
C TRP C 378 4.57 5.23 -12.36
N GLN C 379 4.55 6.53 -12.18
CA GLN C 379 4.52 7.43 -13.31
C GLN C 379 5.79 7.19 -14.17
N THR C 380 6.96 6.99 -13.50
CA THR C 380 8.19 6.71 -14.20
C THR C 380 8.06 5.38 -14.97
N ALA C 381 7.62 4.33 -14.28
CA ALA C 381 7.45 3.03 -14.97
C ALA C 381 6.56 3.13 -16.19
N ASP C 382 5.48 3.88 -16.07
CA ASP C 382 4.56 4.06 -17.15
C ASP C 382 5.22 4.85 -18.32
N LYS C 383 5.96 5.90 -18.03
CA LYS C 383 6.59 6.67 -19.07
C LYS C 383 7.59 5.81 -19.85
N MET C 384 8.34 4.99 -19.13
CA MET C 384 9.30 4.09 -19.72
C MET C 384 8.68 3.04 -20.58
N LYS C 385 7.57 2.45 -20.15
CA LYS C 385 6.88 1.50 -21.01
C LYS C 385 6.46 2.17 -22.32
N LYS C 386 5.91 3.35 -22.21
CA LYS C 386 5.46 4.09 -23.40
C LYS C 386 6.64 4.41 -24.29
N GLN C 387 7.76 4.80 -23.74
CA GLN C 387 8.90 5.23 -24.59
C GLN C 387 9.84 4.13 -25.01
N ARG C 388 10.00 3.10 -24.20
CA ARG C 388 10.96 2.07 -24.46
C ARG C 388 10.30 0.75 -24.81
N GLY C 389 9.02 0.59 -24.60
CA GLY C 389 8.32 -0.65 -24.85
C GLY C 389 8.35 -1.58 -23.65
N PRO C 390 7.53 -2.64 -23.69
CA PRO C 390 7.76 -3.73 -22.72
C PRO C 390 9.28 -4.10 -22.66
N LEU C 391 9.81 -4.37 -21.45
CA LEU C 391 11.21 -4.83 -21.29
C LEU C 391 11.30 -6.25 -21.91
N ALA C 392 12.50 -6.67 -22.29
CA ALA C 392 12.68 -7.93 -23.03
C ALA C 392 12.24 -9.12 -22.16
N GLU C 393 12.43 -8.98 -20.84
CA GLU C 393 12.25 -10.05 -19.88
C GLU C 393 10.73 -10.34 -19.68
N GLU C 394 9.83 -9.50 -20.23
CA GLU C 394 8.38 -9.71 -19.99
C GLU C 394 7.82 -10.91 -20.77
N LYS C 395 6.63 -11.36 -20.38
CA LYS C 395 5.89 -12.34 -21.19
C LYS C 395 4.39 -12.25 -20.91
N ASN C 396 3.59 -12.92 -21.74
CA ASN C 396 2.11 -12.87 -21.65
C ASN C 396 1.57 -11.47 -21.86
N GLY C 397 2.43 -10.55 -22.30
CA GLY C 397 1.97 -9.22 -22.46
C GLY C 397 1.81 -8.51 -21.13
N SER C 398 2.38 -9.04 -20.03
CA SER C 398 2.13 -8.36 -18.71
C SER C 398 3.32 -7.46 -18.50
N ASP C 399 3.20 -6.57 -17.52
CA ASP C 399 4.32 -5.76 -17.12
C ASP C 399 4.92 -6.21 -15.77
N ASN C 400 4.80 -7.49 -15.44
CA ASN C 400 5.26 -8.02 -14.19
C ASN C 400 6.70 -7.77 -13.86
N PHE C 401 7.58 -7.88 -14.86
CA PHE C 401 8.97 -7.70 -14.56
C PHE C 401 9.21 -6.27 -14.17
N ARG C 402 8.72 -5.36 -14.97
CA ARG C 402 8.87 -3.94 -14.63
C ARG C 402 8.19 -3.60 -13.30
N ALA C 403 7.06 -4.21 -13.02
CA ALA C 403 6.36 -3.92 -11.77
C ALA C 403 7.14 -4.40 -10.56
N LYS C 404 7.85 -5.52 -10.69
CA LYS C 404 8.65 -5.97 -9.58
C LYS C 404 9.93 -5.12 -9.41
N ARG C 405 10.51 -4.71 -10.53
CA ARG C 405 11.67 -3.83 -10.51
C ARG C 405 11.33 -2.52 -9.82
N TYR C 406 10.20 -2.01 -10.16
CA TYR C 406 9.78 -0.70 -9.60
C TYR C 406 9.27 -0.76 -8.17
N VAL C 407 8.43 -1.74 -7.80
CA VAL C 407 7.93 -1.82 -6.43
C VAL C 407 9.14 -2.00 -5.51
N SER C 408 10.26 -2.60 -5.99
CA SER C 408 11.40 -2.88 -5.11
C SER C 408 12.08 -1.54 -4.70
N LYS C 409 11.93 -0.52 -5.51
CA LYS C 409 12.65 0.73 -5.34
C LYS C 409 12.15 1.46 -4.13
N TYR C 410 10.92 1.21 -3.69
CA TYR C 410 10.43 1.96 -2.51
C TYR C 410 9.98 1.09 -1.33
N THR C 411 10.20 -0.22 -1.45
CA THR C 411 9.88 -1.20 -0.44
C THR C 411 11.16 -1.85 0.07
N ILE C 412 11.58 -2.91 -0.61
CA ILE C 412 12.62 -3.76 -0.05
C ILE C 412 14.01 -3.12 -0.16
N ASN C 413 14.26 -2.37 -1.20
CA ASN C 413 15.63 -1.90 -1.37
C ASN C 413 16.00 -0.87 -0.35
N PRO C 414 15.11 0.12 -0.09
CA PRO C 414 15.52 1.02 0.99
C PRO C 414 15.68 0.32 2.32
N ALA C 415 14.85 -0.65 2.60
CA ALA C 415 14.96 -1.43 3.82
C ALA C 415 16.29 -2.19 3.95
N ILE C 416 16.77 -2.79 2.87
CA ILE C 416 18.06 -3.46 2.85
C ILE C 416 19.16 -2.42 3.06
N ALA C 417 19.03 -1.30 2.37
CA ALA C 417 20.07 -0.26 2.46
C ALA C 417 20.29 0.23 3.87
N GLN C 418 19.20 0.39 4.60
CA GLN C 418 19.23 0.95 5.90
C GLN C 418 19.45 -0.07 7.04
N GLY C 419 19.40 -1.35 6.76
CA GLY C 419 19.64 -2.40 7.75
C GLY C 419 18.43 -2.78 8.51
N ILE C 420 17.27 -2.59 7.90
CA ILE C 420 16.01 -2.83 8.59
C ILE C 420 15.12 -3.84 7.86
N ALA C 421 15.62 -4.52 6.84
CA ALA C 421 14.78 -5.46 6.08
C ALA C 421 14.44 -6.74 6.79
N HIS C 422 15.04 -6.99 7.95
CA HIS C 422 14.59 -8.10 8.81
C HIS C 422 13.22 -7.79 9.40
N GLU C 423 12.87 -6.50 9.51
CA GLU C 423 11.57 -6.11 10.07
C GLU C 423 10.50 -5.70 9.04
N VAL C 424 10.95 -4.90 8.07
CA VAL C 424 10.04 -4.22 7.13
C VAL C 424 10.50 -4.29 5.69
N GLY C 425 9.68 -3.78 4.77
CA GLY C 425 10.07 -3.66 3.38
C GLY C 425 9.49 -4.68 2.40
N SER C 426 8.80 -5.72 2.89
CA SER C 426 8.21 -6.70 1.98
C SER C 426 7.14 -7.49 2.68
N ILE C 427 6.27 -8.12 1.86
CA ILE C 427 5.22 -9.01 2.38
C ILE C 427 5.85 -10.39 2.35
N GLU C 428 6.47 -10.74 3.48
CA GLU C 428 7.04 -12.03 3.73
C GLU C 428 6.74 -12.49 5.16
N GLU C 429 6.63 -13.80 5.34
CA GLU C 429 6.43 -14.37 6.68
C GLU C 429 7.58 -13.96 7.61
N GLY C 430 7.23 -13.56 8.82
CA GLY C 430 8.20 -13.15 9.83
C GLY C 430 8.47 -11.67 9.86
N LYS C 431 7.89 -10.87 8.95
CA LYS C 431 8.10 -9.42 8.96
CA LYS C 431 8.11 -9.42 8.96
C LYS C 431 6.88 -8.71 9.55
N PHE C 432 7.11 -7.50 9.99
CA PHE C 432 6.11 -6.64 10.59
C PHE C 432 4.97 -6.38 9.64
N ALA C 433 3.74 -6.41 10.16
CA ALA C 433 2.55 -6.30 9.35
C ALA C 433 2.19 -4.85 9.03
N ASP C 434 3.08 -4.25 8.27
CA ASP C 434 2.87 -2.95 7.65
C ASP C 434 2.41 -3.21 6.20
N LEU C 435 1.13 -3.05 5.97
CA LEU C 435 0.48 -3.48 4.69
C LEU C 435 -0.39 -2.35 4.17
N VAL C 436 -0.38 -2.13 2.87
CA VAL C 436 -1.19 -1.11 2.28
C VAL C 436 -2.14 -1.75 1.25
N LEU C 437 -3.44 -1.55 1.46
CA LEU C 437 -4.45 -1.94 0.54
C LEU C 437 -4.81 -0.82 -0.40
N TRP C 438 -4.88 -1.15 -1.67
CA TRP C 438 -5.18 -0.21 -2.75
C TRP C 438 -6.35 -0.72 -3.61
N GLU C 439 -7.35 0.12 -3.86
CA GLU C 439 -8.24 -0.16 -5.01
C GLU C 439 -7.43 -0.02 -6.27
N PRO C 440 -7.57 -0.94 -7.21
CA PRO C 440 -6.69 -0.78 -8.43
C PRO C 440 -6.89 0.59 -9.16
N LYS C 441 -8.11 1.13 -9.11
CA LYS C 441 -8.34 2.40 -9.77
C LYS C 441 -7.56 3.55 -9.12
N PHE C 442 -7.20 3.37 -7.86
CA PHE C 442 -6.41 4.35 -7.10
C PHE C 442 -4.99 3.91 -6.81
N PHE C 443 -4.51 2.84 -7.48
CA PHE C 443 -3.28 2.21 -7.10
C PHE C 443 -2.15 3.24 -7.26
N GLY C 444 -1.34 3.39 -6.21
CA GLY C 444 -0.19 4.27 -6.19
C GLY C 444 -0.56 5.74 -6.01
N VAL C 445 -1.85 6.05 -5.96
CA VAL C 445 -2.34 7.43 -5.84
C VAL C 445 -2.88 7.74 -4.43
N LYS C 446 -3.91 7.03 -4.02
CA LYS C 446 -4.46 7.18 -2.71
C LYS C 446 -4.71 5.79 -2.09
N ALA C 447 -4.03 5.53 -0.96
CA ALA C 447 -4.20 4.27 -0.28
C ALA C 447 -5.64 4.15 0.30
N ASP C 448 -6.24 2.96 0.20
N ASP C 448 -6.23 2.96 0.23
CA ASP C 448 -7.52 2.61 0.87
CA ASP C 448 -7.52 2.70 0.87
C ASP C 448 -7.37 2.51 2.39
C ASP C 448 -7.37 2.51 2.40
N ARG C 449 -6.52 1.60 2.82
CA ARG C 449 -6.27 1.31 4.24
C ARG C 449 -4.80 1.03 4.40
N VAL C 450 -4.19 1.68 5.37
CA VAL C 450 -2.84 1.44 5.76
C VAL C 450 -2.79 0.74 7.12
N ILE C 451 -2.29 -0.48 7.14
CA ILE C 451 -2.13 -1.31 8.34
C ILE C 451 -0.73 -1.16 8.84
N LYS C 452 -0.63 -0.86 10.17
CA LYS C 452 0.66 -0.72 10.86
C LYS C 452 0.65 -1.68 12.03
N GLY C 453 1.61 -2.62 12.02
CA GLY C 453 1.71 -3.57 13.15
C GLY C 453 0.43 -4.36 13.33
N GLY C 454 -0.27 -4.61 12.23
CA GLY C 454 -1.50 -5.40 12.26
C GLY C 454 -2.80 -4.72 12.65
N ILE C 455 -2.78 -3.42 12.86
CA ILE C 455 -3.98 -2.62 13.13
C ILE C 455 -4.04 -1.46 12.11
N ILE C 456 -5.23 -1.19 11.57
CA ILE C 456 -5.33 -0.06 10.61
C ILE C 456 -4.96 1.26 11.29
N ALA C 457 -4.04 1.99 10.69
CA ALA C 457 -3.59 3.30 11.19
C ALA C 457 -4.21 4.48 10.44
N TYR C 458 -4.52 4.28 9.17
CA TYR C 458 -4.98 5.32 8.29
C TYR C 458 -5.88 4.71 7.26
N ALA C 459 -6.96 5.44 6.93
CA ALA C 459 -7.91 4.97 5.95
C ALA C 459 -8.60 6.14 5.25
N GLN C 460 -9.00 5.89 4.03
CA GLN C 460 -9.94 6.74 3.22
C GLN C 460 -11.31 6.31 3.58
N ILE C 461 -11.98 7.11 4.38
CA ILE C 461 -13.28 6.70 4.89
C ILE C 461 -14.16 7.95 5.07
N GLY C 462 -15.46 7.72 5.13
CA GLY C 462 -16.44 8.80 5.13
C GLY C 462 -16.98 9.30 6.45
N ASP C 463 -18.10 9.96 6.31
CA ASP C 463 -18.77 10.74 7.35
C ASP C 463 -18.83 9.88 8.62
N PRO C 464 -18.22 10.35 9.70
CA PRO C 464 -18.30 9.60 10.98
C PRO C 464 -19.66 9.61 11.69
N SER C 465 -20.56 10.50 11.21
CA SER C 465 -21.90 10.62 11.75
C SER C 465 -22.92 9.77 10.99
N ALA C 466 -22.46 9.09 9.94
CA ALA C 466 -23.40 8.36 9.07
C ALA C 466 -23.79 6.97 9.57
N SER C 467 -24.79 6.38 8.89
CA SER C 467 -25.26 5.06 9.21
C SER C 467 -24.29 3.98 8.81
N ILE C 468 -23.44 4.31 7.84
CA ILE C 468 -22.44 3.44 7.29
C ILE C 468 -21.19 4.32 6.99
N PRO C 469 -20.04 3.70 6.74
CA PRO C 469 -18.78 4.49 6.63
C PRO C 469 -18.41 5.15 5.30
N THR C 470 -19.13 4.80 4.26
CA THR C 470 -18.90 5.24 2.88
C THR C 470 -19.51 6.62 2.44
N PRO C 471 -20.50 7.17 3.16
CA PRO C 471 -21.04 8.42 2.66
C PRO C 471 -20.04 9.57 2.79
N GLN C 472 -20.21 10.57 1.95
CA GLN C 472 -19.27 11.68 1.84
C GLN C 472 -19.26 12.57 3.12
N PRO C 473 -18.15 13.23 3.42
CA PRO C 473 -16.91 13.22 2.61
C PRO C 473 -15.93 12.09 2.93
N VAL C 474 -15.54 11.34 1.92
CA VAL C 474 -14.50 10.32 2.02
C VAL C 474 -13.16 11.01 1.92
N MET C 475 -12.37 10.89 2.99
CA MET C 475 -11.07 11.54 3.06
CA MET C 475 -11.10 11.58 3.11
C MET C 475 -10.11 10.71 3.88
N GLY C 476 -8.82 11.02 3.80
CA GLY C 476 -7.85 10.34 4.65
C GLY C 476 -7.99 10.72 6.10
N ARG C 477 -8.04 9.72 6.97
CA ARG C 477 -8.23 9.92 8.36
C ARG C 477 -7.38 8.92 9.17
N ARG C 478 -6.83 9.40 10.29
CA ARG C 478 -6.17 8.52 11.29
C ARG C 478 -7.16 7.59 11.94
N MET C 479 -6.80 6.30 12.04
CA MET C 479 -7.67 5.30 12.65
C MET C 479 -7.17 4.90 14.07
N TYR C 480 -7.80 3.90 14.65
CA TYR C 480 -7.49 3.54 16.01
C TYR C 480 -6.06 3.13 16.33
N GLY C 481 -5.29 2.65 15.35
CA GLY C 481 -3.93 2.35 15.58
C GLY C 481 -3.08 3.53 15.99
N THR C 482 -3.62 4.73 15.79
CA THR C 482 -2.88 5.96 16.07
C THR C 482 -3.28 6.50 17.41
N VAL C 483 -4.30 5.95 18.04
CA VAL C 483 -4.92 6.59 19.17
C VAL C 483 -4.38 6.00 20.49
N GLY C 484 -4.28 6.83 21.51
CA GLY C 484 -3.83 6.39 22.84
C GLY C 484 -2.53 5.70 22.86
N ASP C 485 -2.46 4.61 23.64
CA ASP C 485 -1.24 3.83 23.73
C ASP C 485 -1.01 2.89 22.59
N LEU C 486 -2.01 2.73 21.73
CA LEU C 486 -1.86 1.81 20.60
C LEU C 486 -0.83 2.27 19.59
N ILE C 487 -0.59 3.57 19.56
CA ILE C 487 0.47 4.13 18.74
C ILE C 487 1.85 3.59 19.07
N HIS C 488 2.03 3.10 20.29
CA HIS C 488 3.30 2.54 20.69
C HIS C 488 3.51 1.17 20.11
N ASP C 489 2.44 0.36 20.04
CA ASP C 489 2.58 -1.03 19.62
C ASP C 489 2.54 -1.22 18.14
N THR C 490 2.03 -0.23 17.39
CA THR C 490 1.81 -0.32 15.98
C THR C 490 2.97 0.27 15.19
N ASN C 491 3.92 0.89 15.88
CA ASN C 491 5.05 1.57 15.22
C ASN C 491 6.39 1.20 15.83
N ILE C 492 7.47 1.30 15.00
CA ILE C 492 8.79 0.90 15.37
C ILE C 492 9.71 2.15 15.33
N THR C 493 10.43 2.37 16.40
CA THR C 493 11.61 3.26 16.39
C THR C 493 12.86 2.43 16.13
N PHE C 494 13.53 2.69 15.01
CA PHE C 494 14.75 1.97 14.63
C PHE C 494 15.93 2.70 15.26
N MET C 495 16.83 1.94 15.89
CA MET C 495 17.96 2.47 16.64
C MET C 495 19.20 1.60 16.41
N SER C 496 20.35 2.21 16.64
CA SER C 496 21.63 1.51 16.59
C SER C 496 21.68 0.43 17.69
N LYS C 497 22.36 -0.65 17.37
CA LYS C 497 22.74 -1.68 18.37
C LYS C 497 23.32 -1.12 19.64
N SER C 498 24.26 -0.17 19.55
CA SER C 498 24.87 0.30 20.74
C SER C 498 23.91 1.08 21.60
N SER C 499 23.06 1.92 21.03
CA SER C 499 22.08 2.66 21.87
C SER C 499 21.07 1.74 22.58
N ILE C 500 20.72 0.65 21.88
CA ILE C 500 19.86 -0.36 22.45
C ILE C 500 20.56 -1.11 23.63
N GLN C 501 21.79 -1.53 23.39
CA GLN C 501 22.57 -2.20 24.43
C GLN C 501 22.78 -1.28 25.64
N GLN C 502 22.98 0.02 25.38
CA GLN C 502 23.12 0.99 26.44
C GLN C 502 21.86 1.43 27.12
N GLY C 503 20.73 0.90 26.75
CA GLY C 503 19.52 1.18 27.48
C GLY C 503 18.90 2.54 27.19
N VAL C 504 19.17 3.12 26.02
CA VAL C 504 18.53 4.39 25.68
C VAL C 504 16.98 4.40 25.74
N PRO C 505 16.32 3.38 25.21
CA PRO C 505 14.87 3.38 25.34
C PRO C 505 14.32 3.52 26.75
N ALA C 506 14.89 2.79 27.71
CA ALA C 506 14.47 2.90 29.10
C ALA C 506 14.87 4.26 29.67
N LYS C 507 16.04 4.75 29.29
N LYS C 507 16.05 4.75 29.32
CA LYS C 507 16.49 6.06 29.77
CA LYS C 507 16.43 6.06 29.82
C LYS C 507 15.59 7.22 29.37
C LYS C 507 15.46 7.15 29.43
N LEU C 508 15.02 7.12 28.17
CA LEU C 508 14.11 8.12 27.67
C LEU C 508 12.67 7.84 27.88
N GLY C 509 12.33 6.68 28.36
CA GLY C 509 10.94 6.29 28.58
C GLY C 509 10.23 5.99 27.24
N LEU C 510 10.93 5.48 26.23
CA LEU C 510 10.29 5.14 24.95
C LEU C 510 9.45 3.92 25.09
N LYS C 511 8.22 4.00 24.63
N LYS C 511 8.22 3.99 24.62
CA LYS C 511 7.29 2.88 24.70
CA LYS C 511 7.30 2.86 24.69
C LYS C 511 7.07 2.18 23.38
C LYS C 511 7.04 2.19 23.38
N ARG C 512 7.52 2.78 22.30
CA ARG C 512 7.38 2.19 21.01
C ARG C 512 8.15 0.90 20.87
N ARG C 513 7.76 0.09 19.91
N ARG C 513 7.73 0.05 19.95
CA ARG C 513 8.58 -1.06 19.58
CA ARG C 513 8.53 -1.11 19.61
C ARG C 513 9.96 -0.60 19.10
C ARG C 513 9.90 -0.52 19.24
N ILE C 514 10.98 -1.24 19.61
CA ILE C 514 12.36 -0.84 19.24
C ILE C 514 12.89 -1.83 18.23
N GLY C 515 13.31 -1.30 17.10
CA GLY C 515 13.89 -2.08 16.04
C GLY C 515 15.37 -1.91 15.99
N THR C 516 16.12 -2.97 15.72
CA THR C 516 17.55 -2.88 15.63
C THR C 516 18.04 -2.72 14.22
N VAL C 517 18.87 -1.71 13.98
CA VAL C 517 19.55 -1.60 12.73
C VAL C 517 20.73 -2.57 12.66
N LYS C 518 20.81 -3.34 11.59
CA LYS C 518 21.93 -4.28 11.42
C LYS C 518 22.13 -4.75 10.01
N ASN C 519 23.29 -5.35 9.77
CA ASN C 519 23.71 -5.93 8.48
C ASN C 519 23.65 -4.94 7.31
N CYS C 520 24.23 -3.74 7.56
CA CYS C 520 24.31 -2.60 6.60
C CYS C 520 25.67 -2.46 5.99
N ARG C 521 26.70 -3.15 6.52
CA ARG C 521 28.09 -2.82 6.11
C ARG C 521 28.64 -3.86 5.15
N ASN C 522 27.99 -4.98 4.95
CA ASN C 522 28.58 -5.93 4.04
C ASN C 522 27.54 -6.26 2.98
N ILE C 523 26.91 -5.24 2.47
CA ILE C 523 26.04 -5.37 1.36
C ILE C 523 26.64 -4.48 0.29
N GLY C 524 26.11 -4.58 -0.91
CA GLY C 524 26.41 -3.68 -1.99
C GLY C 524 25.28 -3.63 -3.01
N LYS C 525 25.58 -3.04 -4.14
CA LYS C 525 24.65 -2.95 -5.29
C LYS C 525 24.06 -4.31 -5.64
N LYS C 526 24.86 -5.38 -5.50
CA LYS C 526 24.38 -6.71 -5.89
C LYS C 526 23.22 -7.17 -5.01
N ASP C 527 23.04 -6.53 -3.84
CA ASP C 527 21.99 -6.94 -2.92
C ASP C 527 20.65 -6.18 -3.16
N MET C 528 20.62 -5.28 -4.13
CA MET C 528 19.38 -4.54 -4.45
C MET C 528 18.51 -5.36 -5.37
N LYS C 529 17.34 -5.74 -4.88
CA LYS C 529 16.45 -6.64 -5.58
C LYS C 529 16.00 -6.04 -6.87
N TRP C 530 16.20 -6.78 -7.96
CA TRP C 530 15.78 -6.42 -9.33
C TRP C 530 16.49 -5.15 -9.84
N ASN C 531 17.47 -4.62 -9.11
CA ASN C 531 18.10 -3.34 -9.44
C ASN C 531 19.54 -3.38 -9.06
N ASP C 532 20.21 -4.36 -9.61
CA ASP C 532 21.53 -4.78 -9.14
C ASP C 532 22.67 -4.54 -10.15
N VAL C 533 22.41 -3.67 -11.10
CA VAL C 533 23.32 -3.44 -12.23
C VAL C 533 24.46 -2.53 -11.85
N THR C 534 25.69 -3.03 -12.09
CA THR C 534 26.91 -2.19 -11.99
C THR C 534 27.43 -1.99 -13.41
N THR C 535 27.97 -0.82 -13.70
CA THR C 535 28.39 -0.45 -15.05
C THR C 535 29.22 0.83 -14.98
N ASP C 536 29.90 1.18 -16.07
CA ASP C 536 30.67 2.42 -16.18
CA ASP C 536 30.67 2.44 -16.13
C ASP C 536 29.78 3.53 -16.73
N ILE C 537 29.40 4.48 -15.89
CA ILE C 537 28.55 5.56 -16.32
C ILE C 537 29.47 6.71 -16.61
N ASP C 538 29.40 7.22 -17.82
CA ASP C 538 30.20 8.35 -18.21
C ASP C 538 29.34 9.59 -18.41
N ILE C 539 29.74 10.69 -17.79
CA ILE C 539 29.05 11.94 -17.95
C ILE C 539 30.00 12.97 -18.53
N ASN C 540 29.67 13.46 -19.71
CA ASN C 540 30.59 14.27 -20.49
C ASN C 540 30.68 15.64 -19.79
N PRO C 541 31.90 16.08 -19.41
CA PRO C 541 31.98 17.34 -18.66
C PRO C 541 31.52 18.58 -19.46
N GLU C 542 31.60 18.52 -20.78
CA GLU C 542 31.21 19.66 -21.60
C GLU C 542 29.74 19.69 -21.99
N THR C 543 29.19 18.57 -22.45
CA THR C 543 27.78 18.51 -22.93
C THR C 543 26.80 17.89 -21.95
N TYR C 544 27.29 17.26 -20.88
CA TYR C 544 26.49 16.54 -19.86
C TYR C 544 25.80 15.28 -20.38
N GLU C 545 26.24 14.84 -21.53
CA GLU C 545 25.66 13.67 -22.13
C GLU C 545 26.13 12.46 -21.33
N VAL C 546 25.18 11.55 -21.12
CA VAL C 546 25.39 10.40 -20.31
C VAL C 546 25.52 9.16 -21.22
N LYS C 547 26.54 8.36 -20.95
CA LYS C 547 26.74 7.11 -21.64
C LYS C 547 26.89 5.94 -20.72
N VAL C 548 26.33 4.83 -21.15
CA VAL C 548 26.47 3.56 -20.45
C VAL C 548 26.79 2.51 -21.53
N ASP C 549 27.84 1.74 -21.37
CA ASP C 549 28.29 0.83 -22.45
C ASP C 549 28.40 1.55 -23.80
N GLY C 550 29.06 2.70 -23.76
CA GLY C 550 29.25 3.52 -24.95
C GLY C 550 28.00 4.01 -25.69
N GLU C 551 26.80 3.79 -25.14
CA GLU C 551 25.59 4.28 -25.77
C GLU C 551 25.09 5.48 -24.96
N VAL C 552 24.74 6.54 -25.68
CA VAL C 552 24.18 7.73 -25.10
C VAL C 552 22.81 7.45 -24.63
N LEU C 553 22.48 7.91 -23.42
CA LEU C 553 21.18 7.69 -22.85
C LEU C 553 20.41 9.00 -22.96
N THR C 554 19.48 9.05 -23.90
CA THR C 554 18.68 10.22 -24.16
C THR C 554 17.21 9.86 -24.10
N CYS C 555 16.42 10.79 -23.63
N CYS C 555 16.05 10.58 -23.30
CA CYS C 555 15.03 10.55 -23.52
CA CYS C 555 14.65 10.41 -23.56
C CYS C 555 14.26 11.87 -23.63
C CYS C 555 13.99 11.77 -23.51
N GLU C 556 13.01 11.82 -24.07
CA GLU C 556 12.15 13.01 -24.20
C GLU C 556 11.35 13.25 -22.92
N PRO C 557 11.13 14.53 -22.57
CA PRO C 557 10.12 14.78 -21.51
C PRO C 557 8.67 14.62 -22.00
N VAL C 558 7.73 14.35 -21.10
CA VAL C 558 6.35 14.14 -21.50
C VAL C 558 5.50 15.34 -21.02
N LYS C 559 4.41 15.62 -21.76
CA LYS C 559 3.51 16.74 -21.48
C LYS C 559 2.43 16.39 -20.47
N GLU C 560 2.11 15.10 -20.36
CA GLU C 560 1.05 14.62 -19.47
C GLU C 560 1.50 13.34 -18.78
N LEU C 561 1.00 13.09 -17.58
CA LEU C 561 1.26 11.88 -16.85
C LEU C 561 -0.07 11.29 -16.41
N PRO C 562 -0.11 9.97 -16.21
CA PRO C 562 -1.25 9.36 -15.54
C PRO C 562 -1.13 9.69 -14.05
N MET C 563 -2.12 9.30 -13.24
CA MET C 563 -2.01 9.45 -11.77
C MET C 563 -1.83 10.91 -11.40
N ALA C 564 -2.56 11.75 -12.11
CA ALA C 564 -2.43 13.23 -12.01
C ALA C 564 -3.76 13.92 -12.04
N GLN C 565 -4.15 14.62 -13.10
CA GLN C 565 -5.39 15.43 -13.02
C GLN C 565 -6.70 14.71 -12.95
N ARG C 566 -6.73 13.44 -13.28
CA ARG C 566 -7.96 12.67 -13.05
C ARG C 566 -8.32 12.50 -11.55
N TYR C 567 -7.32 12.61 -10.66
CA TYR C 567 -7.45 12.18 -9.29
C TYR C 567 -7.49 13.34 -8.27
N PHE C 568 -6.73 14.41 -8.53
CA PHE C 568 -6.47 15.40 -7.53
C PHE C 568 -7.29 16.64 -7.63
N LEU C 569 -7.73 17.12 -6.49
CA LEU C 569 -8.58 18.28 -6.46
C LEU C 569 -7.79 19.52 -6.67
N PHE C 570 -6.53 19.51 -6.31
CA PHE C 570 -5.65 20.61 -6.65
C PHE C 570 -4.37 20.16 -7.21
C1 EDO D . -40.04 14.23 3.76
O1 EDO D . -41.36 14.61 4.07
C2 EDO D . -39.54 14.97 2.50
O2 EDO D . -38.29 14.35 2.15
C1 EDO E . -16.81 6.51 -6.15
O1 EDO E . -17.52 7.55 -5.41
C2 EDO E . -16.82 5.02 -5.64
O2 EDO E . -17.63 4.18 -6.52
C1 EDO F . -17.96 21.47 -19.95
O1 EDO F . -19.02 20.67 -19.30
C2 EDO F . -16.87 20.66 -20.66
O2 EDO F . -17.29 19.98 -21.86
S SO4 G . -9.30 13.21 -20.63
O1 SO4 G . -8.93 12.90 -22.02
O2 SO4 G . -8.36 12.34 -19.78
O3 SO4 G . -10.70 12.91 -20.61
O4 SO4 G . -9.33 14.68 -20.29
C1 EDO H . -27.38 -25.27 21.83
O1 EDO H . -28.52 -25.62 22.61
C2 EDO H . -27.16 -26.35 20.79
O2 EDO H . -26.50 -27.42 21.44
C1 EDO I . -33.65 -26.47 -9.16
O1 EDO I . -33.74 -25.02 -9.21
C2 EDO I . -34.85 -26.82 -8.28
O2 EDO I . -35.49 -28.15 -8.31
S SO4 J . -24.44 -37.86 22.83
O1 SO4 J . -25.39 -37.43 21.75
O2 SO4 J . -23.00 -37.51 22.64
O3 SO4 J . -24.49 -39.34 22.91
O4 SO4 J . -24.90 -37.16 24.06
S SO4 K . -33.74 -37.36 -2.83
O1 SO4 K . -34.96 -38.19 -3.05
O2 SO4 K . -32.71 -37.74 -3.85
O3 SO4 K . -33.14 -37.50 -1.44
O4 SO4 K . -34.16 -35.99 -3.06
NI NI L . 20.46 16.46 -0.42
NI NI M . 17.52 16.17 1.51
C1 EDO N . -5.75 -22.30 -7.65
O1 EDO N . -5.95 -23.69 -7.41
C2 EDO N . -5.03 -22.11 -8.97
O2 EDO N . -3.73 -22.59 -8.90
C1 EDO O . -3.87 -27.03 16.53
O1 EDO O . -3.48 -28.42 16.65
C2 EDO O . -4.49 -26.62 15.25
O2 EDO O . -3.54 -26.86 14.22
C1 EDO P . 13.29 -10.29 12.39
O1 EDO P . 14.01 -9.80 13.49
C2 EDO P . 11.81 -9.90 12.57
O2 EDO P . 11.23 -11.07 13.17
C1 EDO Q . 11.38 -5.82 17.40
O1 EDO Q . 11.52 -7.05 16.59
C2 EDO Q . 10.70 -4.69 16.67
O2 EDO Q . 9.29 -4.97 16.40
C1 EDO R . 1.71 14.70 14.79
O1 EDO R . 1.27 14.75 13.44
C2 EDO R . 1.38 13.34 15.43
O2 EDO R . 0.28 13.86 16.22
C1 EDO S . -0.64 18.78 -4.32
O1 EDO S . -0.36 18.99 -5.76
C2 EDO S . -2.08 19.00 -3.86
O2 EDO S . -3.06 17.94 -4.27
C1 EDO T . 25.47 29.05 -4.39
O1 EDO T . 24.37 29.39 -3.51
C2 EDO T . 25.71 27.55 -4.23
O2 EDO T . 26.41 27.25 -3.00
C1 EDO U . -19.41 -13.31 -3.25
O1 EDO U . -20.19 -14.45 -3.04
C2 EDO U . -18.14 -13.67 -2.52
O2 EDO U . -18.33 -13.40 -1.14
C1 EDO V . 32.58 9.96 -15.02
O1 EDO V . 31.94 10.88 -15.88
C2 EDO V . 32.52 10.63 -13.68
O2 EDO V . 33.49 11.68 -13.71
C1 EDO W . 3.80 -18.44 0.33
O1 EDO W . 4.23 -18.50 1.70
C2 EDO W . 4.36 -17.18 -0.33
O2 EDO W . 5.80 -17.28 -0.39
C1 EDO X . 5.36 -22.90 -2.12
O1 EDO X . 5.12 -21.62 -1.51
C2 EDO X . 4.39 -23.13 -3.27
O2 EDO X . 4.61 -22.10 -4.27
S SO4 Y . 20.68 21.85 -1.33
O1 SO4 Y . 19.87 20.73 -2.05
O2 SO4 Y . 22.13 21.91 -1.74
O3 SO4 Y . 20.51 21.70 0.16
O4 SO4 Y . 20.13 23.14 -1.79
O OH Z . 18.54 16.55 -0.24
S SO4 AA . 40.11 10.13 17.04
O1 SO4 AA . 39.05 10.75 16.34
O2 SO4 AA . 40.41 8.80 16.37
O3 SO4 AA . 39.67 9.88 18.46
O4 SO4 AA . 41.20 11.15 16.91
S SO4 BA . 3.04 13.21 -24.07
O1 SO4 BA . 1.95 13.63 -24.99
O2 SO4 BA . 3.48 11.79 -24.32
O3 SO4 BA . 2.44 13.12 -22.68
O4 SO4 BA . 4.20 14.16 -24.30
C1 DBX CA . 12.85 27.94 2.51
O1 DBX CA . 11.57 27.79 4.82
S1 DBX CA . 12.57 28.49 4.09
C2 DBX CA . 13.43 26.59 2.17
O2 DBX CA . 13.78 28.37 4.86
C3 DBX CA . 12.59 28.76 1.36
O3 DBX CA . 12.13 30.10 4.00
C4 DBX CA . 13.40 27.09 -0.28
O4 DBX CA . 13.71 25.66 3.14
C5 DBX CA . 12.84 28.35 0.02
O5 DBX CA . 12.56 29.22 -1.03
C6 DBX CA . 13.68 26.22 0.81
C1 DBX DA . 13.77 6.17 -25.91
O1 DBX DA . 15.46 5.12 -27.45
S1 DBX DA . 14.06 5.17 -27.15
C2 DBX DA . 14.36 5.95 -24.55
O2 DBX DA . 13.64 3.83 -26.86
C3 DBX DA . 12.95 7.30 -26.02
O3 DBX DA . 13.29 5.68 -28.50
C4 DBX DA . 13.30 8.00 -23.60
O4 DBX DA . 15.14 4.87 -24.36
C5 DBX DA . 12.72 8.18 -24.92
O5 DBX DA . 11.93 9.27 -25.16
C6 DBX DA . 14.09 6.84 -23.48
#